data_8S3C
#
_entry.id   8S3C
#
_cell.length_a   95.651
_cell.length_b   164.554
_cell.length_c   195.412
_cell.angle_alpha   90.000
_cell.angle_beta   90.000
_cell.angle_gamma   90.000
#
_symmetry.space_group_name_H-M   'C 2 2 21'
#
loop_
_entity.id
_entity.type
_entity.pdbx_description
1 polymer 'Glutamate dehydrogenase'
2 non-polymer DI(HYDROXYETHYL)ETHER
3 non-polymer 1,2-ETHANEDIOL
4 non-polymer 'CALCIUM ION'
5 non-polymer 'SODIUM ION'
6 water water
#
_entity_poly.entity_id   1
_entity_poly.type   'polypeptide(L)'
_entity_poly.pdbx_seq_one_letter_code
;SNAMNALVATNRNFQRASRILGLDSKLEKSLLIPYREIKVECTIPKDDGSLVSYVGFRIQHDNARGPMKGGIRYHPEVDP
DEVNALAQLMTWKTAVVDIPYGGAKGGIGCNPKDLSISELERLTRVFTQKIHDLIGIHRDVPAPDMGTNSQTMAWILDEY
SKFHGHSPAVVTGKPIDLGGSLGREAATGLGVVFATEALFAEYGKSISDMTFAIQGFGNVGTWAAKAIFERGGKVVAVSD
INGAISNPNGIDIAALLKHKAGNGSLKDFSGGDAMNPNDLLVHDCDVLIPCALGGVLNKENANDVKAKFIIEAANHPTDP
DADEILSKKGVIILPDVYANAGGVTVSYFEWVQNIQGFMWDEEKVNQELKRYMTKAFNDIKANCKTHNCDLRMGAFTLGL
NRVARATLLRGWEA
;
_entity_poly.pdbx_strand_id   A,B,C
#
# COMPACT_ATOMS: atom_id res chain seq x y z
N ASN A 5 -10.74 -16.66 -33.21
CA ASN A 5 -12.00 -16.07 -33.67
C ASN A 5 -12.39 -14.90 -32.77
N ALA A 6 -11.44 -14.44 -31.97
CA ALA A 6 -11.67 -13.27 -31.11
C ALA A 6 -12.01 -12.03 -31.93
N LEU A 7 -11.49 -11.93 -33.15
CA LEU A 7 -11.74 -10.75 -33.97
C LEU A 7 -13.23 -10.54 -34.22
N VAL A 8 -13.89 -11.52 -34.83
CA VAL A 8 -15.29 -11.33 -35.18
C VAL A 8 -16.15 -11.26 -33.93
N ALA A 9 -15.81 -12.01 -32.89
CA ALA A 9 -16.61 -12.01 -31.68
C ALA A 9 -16.53 -10.66 -30.95
N THR A 10 -15.33 -10.10 -30.85
CA THR A 10 -15.18 -8.83 -30.12
C THR A 10 -15.82 -7.68 -30.90
N ASN A 11 -15.67 -7.68 -32.23
CA ASN A 11 -16.27 -6.62 -33.03
C ASN A 11 -17.78 -6.65 -32.97
N ARG A 12 -18.39 -7.83 -33.04
CA ARG A 12 -19.85 -7.88 -32.94
C ARG A 12 -20.32 -7.39 -31.59
N ASN A 13 -19.63 -7.83 -30.52
CA ASN A 13 -20.04 -7.47 -29.17
C ASN A 13 -19.85 -5.98 -28.92
N PHE A 14 -18.73 -5.41 -29.37
CA PHE A 14 -18.56 -3.97 -29.29
C PHE A 14 -19.66 -3.23 -30.03
N GLN A 15 -19.95 -3.64 -31.26
CA GLN A 15 -20.99 -2.96 -32.05
C GLN A 15 -22.35 -3.05 -31.37
N ARG A 16 -22.72 -4.24 -30.87
CA ARG A 16 -24.03 -4.38 -30.23
C ARG A 16 -24.10 -3.57 -28.93
N ALA A 17 -23.00 -3.56 -28.17
CA ALA A 17 -22.97 -2.77 -26.94
C ALA A 17 -23.01 -1.27 -27.24
N SER A 18 -22.25 -0.84 -28.23
CA SER A 18 -22.28 0.58 -28.61
C SER A 18 -23.68 1.02 -28.99
N ARG A 19 -24.41 0.19 -29.75
CA ARG A 19 -25.75 0.59 -30.17
C ARG A 19 -26.71 0.65 -28.99
N ILE A 20 -26.51 -0.19 -27.97
CA ILE A 20 -27.33 -0.14 -26.77
C ILE A 20 -27.05 1.14 -25.98
N LEU A 21 -25.77 1.50 -25.85
CA LEU A 21 -25.43 2.73 -25.14
C LEU A 21 -25.79 3.97 -25.93
N GLY A 22 -25.94 3.85 -27.26
CA GLY A 22 -26.13 5.03 -28.09
C GLY A 22 -24.91 5.91 -28.13
N LEU A 23 -23.72 5.31 -28.09
CA LEU A 23 -22.48 6.07 -28.11
C LEU A 23 -22.43 7.04 -29.28
N ASP A 24 -22.06 8.28 -28.99
CA ASP A 24 -21.83 9.26 -30.03
C ASP A 24 -20.83 8.73 -31.05
N SER A 25 -21.12 9.00 -32.32
CA SER A 25 -20.36 8.42 -33.42
C SER A 25 -18.90 8.86 -33.41
N LYS A 26 -18.63 10.10 -33.01
CA LYS A 26 -17.24 10.55 -33.00
C LYS A 26 -16.47 10.06 -31.78
N LEU A 27 -17.15 9.84 -30.64
CA LEU A 27 -16.47 9.20 -29.52
C LEU A 27 -16.13 7.74 -29.85
N GLU A 28 -17.05 7.03 -30.52
CA GLU A 28 -16.81 5.65 -30.92
C GLU A 28 -15.54 5.51 -31.75
N LYS A 29 -15.37 6.37 -32.77
CA LYS A 29 -14.18 6.29 -33.62
C LYS A 29 -12.90 6.48 -32.80
N SER A 30 -12.90 7.41 -31.85
CA SER A 30 -11.72 7.58 -31.02
C SER A 30 -11.48 6.33 -30.19
N LEU A 31 -12.53 5.83 -29.52
CA LEU A 31 -12.42 4.59 -28.76
C LEU A 31 -11.87 3.44 -29.59
N LEU A 32 -12.14 3.42 -30.91
CA LEU A 32 -11.62 2.30 -31.71
C LEU A 32 -10.17 2.50 -32.13
N ILE A 33 -9.69 3.74 -32.21
CA ILE A 33 -8.31 3.99 -32.63
C ILE A 33 -7.37 3.71 -31.46
N PRO A 34 -6.37 2.85 -31.64
CA PRO A 34 -5.43 2.58 -30.55
C PRO A 34 -4.64 3.82 -30.18
N TYR A 35 -4.36 3.95 -28.89
CA TYR A 35 -3.49 5.01 -28.41
C TYR A 35 -2.19 5.08 -29.19
N ARG A 36 -1.54 3.94 -29.38
CA ARG A 36 -0.22 3.89 -30.01
C ARG A 36 0.05 2.46 -30.48
N GLU A 37 0.67 2.34 -31.65
CA GLU A 37 1.16 1.06 -32.17
C GLU A 37 2.65 1.18 -32.44
N ILE A 38 3.41 0.16 -32.03
CA ILE A 38 4.87 0.16 -32.11
C ILE A 38 5.34 -1.11 -32.80
N LYS A 39 6.30 -0.99 -33.72
CA LYS A 39 7.05 -2.12 -34.25
C LYS A 39 8.55 -1.82 -34.14
N VAL A 40 9.34 -2.79 -33.63
CA VAL A 40 10.78 -2.62 -33.43
C VAL A 40 11.57 -3.81 -33.94
N GLU A 41 12.76 -3.54 -34.48
CA GLU A 41 13.69 -4.59 -34.87
C GLU A 41 14.30 -5.27 -33.65
N CYS A 42 14.30 -6.61 -33.64
CA CYS A 42 14.92 -7.44 -32.62
C CYS A 42 15.91 -8.38 -33.31
N THR A 43 17.17 -7.98 -33.36
CA THR A 43 18.23 -8.79 -33.93
C THR A 43 19.13 -9.28 -32.80
N ILE A 44 19.44 -10.56 -32.80
CA ILE A 44 20.32 -11.15 -31.78
C ILE A 44 21.32 -12.06 -32.46
N PRO A 45 22.45 -12.29 -31.80
CA PRO A 45 23.36 -13.36 -32.24
C PRO A 45 22.88 -14.71 -31.71
N LYS A 46 22.81 -15.70 -32.59
CA LYS A 46 22.53 -17.06 -32.15
C LYS A 46 23.71 -17.60 -31.33
N ASP A 47 23.56 -18.82 -30.80
CA ASP A 47 24.62 -19.40 -29.97
C ASP A 47 25.92 -19.63 -30.74
N ASP A 48 25.85 -19.75 -32.07
CA ASP A 48 27.04 -19.94 -32.90
C ASP A 48 27.56 -18.64 -33.49
N GLY A 49 26.95 -17.51 -33.14
CA GLY A 49 27.42 -16.20 -33.54
C GLY A 49 26.64 -15.56 -34.67
N SER A 50 25.92 -16.34 -35.47
CA SER A 50 25.24 -15.77 -36.63
C SER A 50 23.97 -15.04 -36.20
N LEU A 51 23.45 -14.21 -37.10
CA LEU A 51 22.38 -13.29 -36.76
C LEU A 51 21.02 -13.80 -37.22
N VAL A 52 20.00 -13.47 -36.43
CA VAL A 52 18.61 -13.62 -36.80
C VAL A 52 17.91 -12.34 -36.40
N SER A 53 16.98 -11.91 -37.24
CA SER A 53 16.27 -10.64 -37.12
C SER A 53 14.77 -10.91 -37.14
N TYR A 54 14.08 -10.41 -36.13
CA TYR A 54 12.63 -10.50 -35.96
C TYR A 54 12.07 -9.09 -35.80
N VAL A 55 10.74 -8.98 -35.86
CA VAL A 55 10.04 -7.73 -35.57
C VAL A 55 9.21 -7.94 -34.32
N GLY A 56 9.48 -7.13 -33.26
CA GLY A 56 8.66 -7.10 -32.08
C GLY A 56 7.63 -5.99 -32.19
N PHE A 57 6.55 -6.10 -31.40
CA PHE A 57 5.45 -5.16 -31.53
C PHE A 57 4.71 -5.02 -30.21
N ARG A 58 4.02 -3.88 -30.08
CA ARG A 58 3.15 -3.62 -28.93
C ARG A 58 2.03 -2.70 -29.38
N ILE A 59 0.80 -3.20 -29.34
CA ILE A 59 -0.37 -2.39 -29.59
C ILE A 59 -0.89 -1.92 -28.24
N GLN A 60 -0.95 -0.61 -28.05
CA GLN A 60 -1.41 -0.02 -26.80
C GLN A 60 -2.75 0.65 -27.14
N HIS A 61 -3.84 -0.04 -26.79
CA HIS A 61 -5.15 0.38 -27.28
C HIS A 61 -5.69 1.59 -26.51
N ASP A 62 -5.77 1.52 -25.19
CA ASP A 62 -6.46 2.56 -24.43
C ASP A 62 -5.90 2.66 -23.02
N ASN A 63 -5.78 3.90 -22.50
CA ASN A 63 -5.33 4.11 -21.13
C ASN A 63 -6.20 5.10 -20.36
N ALA A 64 -7.45 5.31 -20.77
CA ALA A 64 -8.30 6.27 -20.07
C ALA A 64 -8.51 5.88 -18.60
N ARG A 65 -8.56 4.59 -18.29
CA ARG A 65 -8.81 4.15 -16.91
C ARG A 65 -7.52 3.72 -16.18
N GLY A 66 -6.36 3.81 -16.82
CA GLY A 66 -5.11 3.58 -16.14
C GLY A 66 -4.10 2.94 -17.05
N PRO A 67 -3.01 2.41 -16.49
CA PRO A 67 -1.95 1.85 -17.34
C PRO A 67 -2.47 0.71 -18.20
N MET A 68 -1.87 0.55 -19.35
CA MET A 68 -2.26 -0.54 -20.21
C MET A 68 -1.73 -1.86 -19.66
N LYS A 69 -2.28 -2.95 -20.19
CA LYS A 69 -2.06 -4.27 -19.62
C LYS A 69 -2.32 -5.28 -20.72
N GLY A 70 -1.46 -6.30 -20.82
CA GLY A 70 -1.74 -7.41 -21.71
C GLY A 70 -0.49 -8.20 -22.04
N GLY A 71 -0.73 -9.36 -22.70
CA GLY A 71 0.29 -10.38 -22.87
C GLY A 71 1.31 -10.10 -24.00
N ILE A 72 2.40 -10.87 -23.94
CA ILE A 72 3.47 -10.87 -24.94
C ILE A 72 3.50 -12.25 -25.56
N ARG A 73 3.25 -12.34 -26.88
CA ARG A 73 3.18 -13.61 -27.59
C ARG A 73 4.43 -13.80 -28.42
N TYR A 74 5.14 -14.90 -28.20
CA TYR A 74 6.21 -15.35 -29.10
C TYR A 74 5.59 -16.42 -29.98
N HIS A 75 5.12 -16.02 -31.16
CA HIS A 75 4.39 -16.90 -32.07
C HIS A 75 4.64 -16.44 -33.50
N PRO A 76 4.73 -17.35 -34.48
CA PRO A 76 5.07 -16.91 -35.85
C PRO A 76 3.94 -16.21 -36.56
N GLU A 77 2.68 -16.50 -36.21
CA GLU A 77 1.54 -15.94 -36.90
C GLU A 77 1.16 -14.62 -36.22
N VAL A 78 1.42 -13.52 -36.92
CA VAL A 78 1.12 -12.17 -36.44
C VAL A 78 0.19 -11.48 -37.43
N ASP A 79 -1.07 -11.34 -37.08
CA ASP A 79 -2.01 -10.57 -37.89
C ASP A 79 -2.32 -9.26 -37.18
N PRO A 80 -2.01 -8.10 -37.78
CA PRO A 80 -2.20 -6.84 -37.05
C PRO A 80 -3.61 -6.62 -36.56
N ASP A 81 -4.61 -7.13 -37.30
CA ASP A 81 -6.00 -6.90 -36.92
C ASP A 81 -6.44 -7.78 -35.75
N GLU A 82 -5.95 -9.02 -35.69
CA GLU A 82 -6.22 -9.83 -34.50
C GLU A 82 -5.54 -9.25 -33.27
N VAL A 83 -4.32 -8.72 -33.42
CA VAL A 83 -3.63 -8.13 -32.27
C VAL A 83 -4.39 -6.89 -31.78
N ASN A 84 -4.81 -6.01 -32.71
CA ASN A 84 -5.63 -4.85 -32.34
C ASN A 84 -6.89 -5.26 -31.59
N ALA A 85 -7.55 -6.32 -32.05
CA ALA A 85 -8.78 -6.78 -31.43
C ALA A 85 -8.53 -7.33 -30.03
N LEU A 86 -7.41 -8.03 -29.83
CA LEU A 86 -7.12 -8.58 -28.50
C LEU A 86 -6.77 -7.49 -27.50
N ALA A 87 -5.96 -6.51 -27.92
CA ALA A 87 -5.69 -5.36 -27.06
C ALA A 87 -6.99 -4.63 -26.71
N GLN A 88 -7.82 -4.39 -27.72
CA GLN A 88 -9.11 -3.76 -27.48
C GLN A 88 -9.98 -4.61 -26.54
N LEU A 89 -9.95 -5.94 -26.68
CA LEU A 89 -10.72 -6.76 -25.76
C LEU A 89 -10.21 -6.62 -24.34
N MET A 90 -8.89 -6.44 -24.16
CA MET A 90 -8.40 -6.26 -22.80
C MET A 90 -8.93 -4.96 -22.20
N THR A 91 -9.10 -3.92 -23.03
CA THR A 91 -9.65 -2.67 -22.51
C THR A 91 -11.06 -2.88 -21.94
N TRP A 92 -11.91 -3.62 -22.66
CA TRP A 92 -13.27 -3.84 -22.17
C TRP A 92 -13.26 -4.78 -20.96
N LYS A 93 -12.39 -5.81 -21.00
CA LYS A 93 -12.41 -6.84 -19.96
C LYS A 93 -11.99 -6.25 -18.61
N THR A 94 -10.91 -5.46 -18.60
CA THR A 94 -10.49 -4.79 -17.38
C THR A 94 -11.59 -3.89 -16.82
N ALA A 95 -12.36 -3.25 -17.71
CA ALA A 95 -13.43 -2.37 -17.24
C ALA A 95 -14.62 -3.16 -16.71
N VAL A 96 -14.87 -4.37 -17.24
CA VAL A 96 -15.96 -5.18 -16.73
C VAL A 96 -15.76 -5.50 -15.25
N VAL A 97 -14.53 -5.86 -14.85
CA VAL A 97 -14.28 -6.20 -13.45
C VAL A 97 -13.76 -5.02 -12.64
N ASP A 98 -13.74 -3.83 -13.25
CA ASP A 98 -13.34 -2.58 -12.58
C ASP A 98 -11.92 -2.66 -12.01
N ILE A 99 -10.98 -3.25 -12.76
CA ILE A 99 -9.57 -3.07 -12.39
C ILE A 99 -9.04 -1.86 -13.15
N PRO A 100 -8.13 -1.06 -12.54
CA PRO A 100 -7.75 0.26 -13.12
C PRO A 100 -6.64 0.15 -14.16
N TYR A 101 -6.98 -0.45 -15.30
CA TYR A 101 -6.10 -0.63 -16.44
C TYR A 101 -6.87 -0.40 -17.74
N GLY A 102 -6.11 -0.09 -18.80
CA GLY A 102 -6.55 -0.29 -20.16
C GLY A 102 -5.92 -1.53 -20.77
N GLY A 103 -6.09 -1.68 -22.08
CA GLY A 103 -5.71 -2.89 -22.79
C GLY A 103 -4.52 -2.67 -23.71
N ALA A 104 -3.66 -3.68 -23.79
CA ALA A 104 -2.58 -3.71 -24.78
C ALA A 104 -2.32 -5.15 -25.18
N LYS A 105 -1.56 -5.34 -26.26
CA LYS A 105 -1.14 -6.67 -26.68
C LYS A 105 0.10 -6.52 -27.54
N GLY A 106 1.05 -7.44 -27.39
CA GLY A 106 2.29 -7.36 -28.12
C GLY A 106 2.95 -8.72 -28.26
N GLY A 107 4.21 -8.74 -28.67
CA GLY A 107 4.90 -10.00 -28.88
C GLY A 107 5.97 -9.87 -29.93
N ILE A 108 6.51 -11.01 -30.34
CA ILE A 108 7.53 -11.07 -31.38
C ILE A 108 7.14 -12.14 -32.37
N GLY A 109 7.34 -11.86 -33.66
CA GLY A 109 7.02 -12.80 -34.71
C GLY A 109 8.14 -13.81 -34.92
N CYS A 110 8.11 -14.88 -34.12
CA CYS A 110 9.16 -15.88 -34.10
C CYS A 110 8.54 -17.18 -33.64
N ASN A 111 9.26 -18.27 -33.86
CA ASN A 111 8.87 -19.57 -33.34
C ASN A 111 9.81 -19.96 -32.22
N PRO A 112 9.38 -19.96 -30.96
CA PRO A 112 10.34 -20.21 -29.87
C PRO A 112 10.92 -21.61 -29.88
N LYS A 113 10.30 -22.57 -30.57
CA LYS A 113 10.91 -23.89 -30.69
C LYS A 113 12.16 -23.88 -31.56
N ASP A 114 12.39 -22.82 -32.34
CA ASP A 114 13.63 -22.67 -33.11
C ASP A 114 14.78 -22.11 -32.29
N LEU A 115 14.52 -21.58 -31.09
CA LEU A 115 15.52 -20.87 -30.31
C LEU A 115 15.88 -21.67 -29.07
N SER A 116 17.18 -21.69 -28.77
CA SER A 116 17.67 -22.20 -27.50
C SER A 116 17.24 -21.25 -26.37
N ILE A 117 17.45 -21.71 -25.12
CA ILE A 117 17.02 -20.90 -23.98
C ILE A 117 17.93 -19.69 -23.78
N SER A 118 19.20 -19.79 -24.17
CA SER A 118 20.05 -18.60 -24.14
C SER A 118 19.62 -17.62 -25.22
N GLU A 119 19.21 -18.14 -26.39
CA GLU A 119 18.74 -17.27 -27.47
C GLU A 119 17.41 -16.62 -27.09
N LEU A 120 16.52 -17.37 -26.43
CA LEU A 120 15.28 -16.78 -25.93
C LEU A 120 15.56 -15.65 -24.94
N GLU A 121 16.55 -15.83 -24.07
CA GLU A 121 16.89 -14.77 -23.13
C GLU A 121 17.46 -13.55 -23.86
N ARG A 122 18.34 -13.75 -24.83
CA ARG A 122 18.89 -12.61 -25.55
C ARG A 122 17.79 -11.87 -26.33
N LEU A 123 16.89 -12.61 -26.97
CA LEU A 123 15.78 -11.97 -27.67
C LEU A 123 14.95 -11.13 -26.72
N THR A 124 14.63 -11.69 -25.55
CA THR A 124 13.74 -11.01 -24.62
C THR A 124 14.37 -9.72 -24.10
N ARG A 125 15.67 -9.75 -23.85
CA ARG A 125 16.38 -8.56 -23.38
C ARG A 125 16.45 -7.48 -24.48
N VAL A 126 16.72 -7.89 -25.73
CA VAL A 126 16.78 -6.90 -26.81
C VAL A 126 15.41 -6.27 -27.04
N PHE A 127 14.35 -7.08 -27.09
CA PHE A 127 12.99 -6.55 -27.12
C PHE A 127 12.80 -5.50 -26.02
N THR A 128 13.21 -5.83 -24.79
CA THR A 128 13.02 -4.91 -23.68
C THR A 128 13.82 -3.63 -23.88
N GLN A 129 15.04 -3.76 -24.40
CA GLN A 129 15.85 -2.58 -24.71
C GLN A 129 15.18 -1.72 -25.76
N LYS A 130 14.41 -2.32 -26.65
CA LYS A 130 13.77 -1.57 -27.72
C LYS A 130 12.45 -0.94 -27.31
N ILE A 131 11.83 -1.38 -26.21
CA ILE A 131 10.52 -0.87 -25.82
C ILE A 131 10.47 -0.31 -24.41
N HIS A 132 11.58 -0.31 -23.67
CA HIS A 132 11.50 0.05 -22.25
C HIS A 132 10.95 1.46 -22.05
N ASP A 133 11.28 2.40 -22.95
CA ASP A 133 10.78 3.77 -22.84
C ASP A 133 9.27 3.87 -23.09
N LEU A 134 8.64 2.82 -23.63
CA LEU A 134 7.23 2.81 -23.96
C LEU A 134 6.37 2.04 -22.98
N ILE A 135 6.99 1.32 -22.04
CA ILE A 135 6.23 0.56 -21.03
C ILE A 135 6.59 1.12 -19.66
N GLY A 136 6.00 0.56 -18.61
CA GLY A 136 6.36 0.95 -17.27
C GLY A 136 5.23 0.69 -16.30
N ILE A 137 5.55 0.90 -15.02
CA ILE A 137 4.66 0.50 -13.94
C ILE A 137 3.32 1.21 -14.03
N HIS A 138 3.34 2.49 -14.36
CA HIS A 138 2.10 3.25 -14.52
C HIS A 138 1.84 3.61 -15.98
N ARG A 139 2.46 2.89 -16.91
CA ARG A 139 2.32 3.16 -18.35
C ARG A 139 1.79 1.96 -19.12
N ASP A 140 2.46 0.82 -19.00
CA ASP A 140 2.06 -0.40 -19.72
C ASP A 140 2.78 -1.59 -19.11
N VAL A 141 2.00 -2.56 -18.62
CA VAL A 141 2.48 -3.68 -17.82
C VAL A 141 2.27 -4.99 -18.57
N PRO A 142 3.33 -5.55 -19.16
CA PRO A 142 3.18 -6.81 -19.90
C PRO A 142 2.96 -8.01 -18.97
N ALA A 143 2.70 -9.14 -19.61
CA ALA A 143 2.30 -10.38 -18.96
C ALA A 143 2.60 -11.54 -19.90
N PRO A 144 2.66 -12.77 -19.40
CA PRO A 144 2.84 -13.91 -20.29
C PRO A 144 1.65 -14.10 -21.25
N ASP A 145 1.88 -14.90 -22.28
CA ASP A 145 0.90 -15.19 -23.31
C ASP A 145 1.43 -16.41 -24.05
N MET A 146 0.83 -16.73 -25.20
CA MET A 146 1.29 -17.81 -26.07
C MET A 146 2.78 -17.66 -26.38
N GLY A 147 3.56 -18.65 -25.97
CA GLY A 147 4.99 -18.68 -26.23
C GLY A 147 5.87 -18.06 -25.15
N THR A 148 5.31 -17.42 -24.13
CA THR A 148 6.10 -16.86 -23.05
C THR A 148 5.59 -17.38 -21.71
N ASN A 149 6.37 -17.16 -20.66
CA ASN A 149 6.06 -17.71 -19.36
C ASN A 149 6.73 -16.85 -18.31
N SER A 150 6.69 -17.29 -17.05
CA SER A 150 7.18 -16.48 -15.95
C SER A 150 8.69 -16.28 -16.03
N GLN A 151 9.42 -17.22 -16.62
CA GLN A 151 10.85 -16.99 -16.82
C GLN A 151 11.08 -15.86 -17.83
N THR A 152 10.27 -15.78 -18.89
CA THR A 152 10.35 -14.61 -19.79
C THR A 152 10.20 -13.31 -19.01
N MET A 153 9.23 -13.27 -18.08
CA MET A 153 8.96 -12.04 -17.35
C MET A 153 10.13 -11.65 -16.45
N ALA A 154 10.79 -12.65 -15.82
CA ALA A 154 12.03 -12.37 -15.09
C ALA A 154 13.07 -11.66 -15.96
N TRP A 155 13.24 -12.13 -17.20
CA TRP A 155 14.19 -11.46 -18.08
C TRP A 155 13.77 -10.04 -18.40
N ILE A 156 12.47 -9.81 -18.64
CA ILE A 156 12.02 -8.45 -18.91
C ILE A 156 12.26 -7.57 -17.69
N LEU A 157 11.85 -8.05 -16.51
CA LEU A 157 12.08 -7.31 -15.27
C LEU A 157 13.56 -6.96 -15.11
N ASP A 158 14.43 -7.96 -15.24
CA ASP A 158 15.86 -7.75 -15.03
C ASP A 158 16.41 -6.69 -15.98
N GLU A 159 16.01 -6.75 -17.26
CA GLU A 159 16.58 -5.82 -18.24
C GLU A 159 15.94 -4.41 -18.12
N TYR A 160 14.63 -4.35 -17.95
CA TYR A 160 13.97 -3.07 -17.74
C TYR A 160 14.59 -2.31 -16.57
N SER A 161 14.95 -3.03 -15.51
CA SER A 161 15.42 -2.41 -14.29
C SER A 161 16.79 -1.75 -14.42
N LYS A 162 17.58 -2.14 -15.43
CA LYS A 162 18.83 -1.43 -15.71
C LYS A 162 18.57 -0.02 -16.21
N PHE A 163 17.44 0.18 -16.89
CA PHE A 163 17.11 1.49 -17.47
C PHE A 163 16.33 2.39 -16.53
N HIS A 164 15.55 1.83 -15.61
CA HIS A 164 14.64 2.62 -14.79
C HIS A 164 14.70 2.25 -13.31
N GLY A 165 15.73 1.51 -12.87
CA GLY A 165 15.81 1.04 -11.51
C GLY A 165 14.90 -0.15 -11.27
N HIS A 166 15.15 -0.84 -10.16
CA HIS A 166 14.35 -2.01 -9.77
C HIS A 166 12.86 -1.72 -9.79
N SER A 167 12.13 -2.45 -10.65
CA SER A 167 10.74 -2.16 -10.97
C SER A 167 9.93 -3.46 -11.01
N PRO A 168 9.71 -4.11 -9.87
CA PRO A 168 8.96 -5.38 -9.86
C PRO A 168 7.57 -5.31 -10.50
N ALA A 169 6.87 -4.16 -10.36
CA ALA A 169 5.54 -4.04 -10.93
C ALA A 169 5.52 -3.79 -12.45
N VAL A 170 6.66 -3.84 -13.16
CA VAL A 170 6.60 -3.53 -14.59
C VAL A 170 5.99 -4.69 -15.41
N VAL A 171 6.02 -5.92 -14.89
CA VAL A 171 5.39 -7.08 -15.49
C VAL A 171 4.66 -7.85 -14.39
N THR A 172 3.62 -8.59 -14.78
CA THR A 172 2.98 -9.56 -13.91
C THR A 172 3.27 -10.98 -14.41
N GLY A 173 2.73 -11.95 -13.70
CA GLY A 173 3.09 -13.34 -13.95
C GLY A 173 4.54 -13.65 -13.65
N LYS A 174 5.17 -12.90 -12.72
CA LYS A 174 6.55 -13.16 -12.35
C LYS A 174 6.67 -14.45 -11.54
N PRO A 175 7.87 -15.03 -11.45
CA PRO A 175 8.10 -16.11 -10.48
C PRO A 175 7.89 -15.61 -9.06
N ILE A 176 7.56 -16.54 -8.16
CA ILE A 176 7.38 -16.17 -6.75
C ILE A 176 8.65 -15.53 -6.19
N ASP A 177 9.81 -16.07 -6.56
CA ASP A 177 11.07 -15.55 -6.02
C ASP A 177 11.30 -14.10 -6.38
N LEU A 178 10.66 -13.59 -7.41
CA LEU A 178 10.93 -12.22 -7.85
C LEU A 178 9.72 -11.32 -7.73
N GLY A 179 8.79 -11.62 -6.83
CA GLY A 179 7.63 -10.76 -6.65
C GLY A 179 6.33 -11.23 -7.27
N GLY A 180 6.27 -12.47 -7.78
CA GLY A 180 5.00 -12.99 -8.27
C GLY A 180 4.02 -13.25 -7.13
N SER A 181 2.74 -13.31 -7.46
CA SER A 181 1.71 -13.46 -6.44
C SER A 181 1.34 -14.91 -6.17
N LEU A 182 0.95 -15.19 -4.94
CA LEU A 182 0.34 -16.47 -4.62
C LEU A 182 -1.05 -16.56 -5.28
N GLY A 183 -1.48 -17.78 -5.56
CA GLY A 183 -2.80 -18.01 -6.12
C GLY A 183 -2.97 -17.67 -7.58
N ARG A 184 -1.87 -17.47 -8.32
CA ARG A 184 -1.98 -17.08 -9.73
C ARG A 184 -2.52 -18.23 -10.59
N GLU A 185 -2.05 -19.45 -10.34
CA GLU A 185 -2.39 -20.58 -11.20
C GLU A 185 -3.85 -20.99 -11.02
N ALA A 186 -4.38 -20.92 -9.80
CA ALA A 186 -5.76 -21.30 -9.56
C ALA A 186 -6.75 -20.19 -9.91
N ALA A 187 -6.26 -18.98 -10.19
CA ALA A 187 -7.13 -17.80 -10.11
C ALA A 187 -8.25 -17.86 -11.13
N THR A 188 -7.96 -18.31 -12.35
CA THR A 188 -9.01 -18.32 -13.37
C THR A 188 -10.07 -19.36 -13.05
N GLY A 189 -9.65 -20.58 -12.72
CA GLY A 189 -10.61 -21.61 -12.33
C GLY A 189 -11.42 -21.20 -11.11
N LEU A 190 -10.75 -20.66 -10.09
CA LEU A 190 -11.45 -20.26 -8.87
C LEU A 190 -12.40 -19.09 -9.14
N GLY A 191 -11.96 -18.14 -9.97
CA GLY A 191 -12.82 -17.01 -10.29
C GLY A 191 -14.10 -17.45 -10.98
N VAL A 192 -13.97 -18.44 -11.89
CA VAL A 192 -15.14 -19.03 -12.54
C VAL A 192 -16.14 -19.51 -11.50
N VAL A 193 -15.65 -20.13 -10.42
CA VAL A 193 -16.55 -20.66 -9.40
C VAL A 193 -17.16 -19.52 -8.59
N PHE A 194 -16.35 -18.52 -8.20
CA PHE A 194 -16.90 -17.37 -7.47
C PHE A 194 -18.01 -16.70 -8.27
N ALA A 195 -17.82 -16.58 -9.59
CA ALA A 195 -18.80 -15.92 -10.44
C ALA A 195 -20.09 -16.71 -10.52
N THR A 196 -19.98 -18.04 -10.55
CA THR A 196 -21.15 -18.89 -10.64
C THR A 196 -21.93 -18.89 -9.32
N GLU A 197 -21.20 -18.83 -8.20
CA GLU A 197 -21.84 -18.66 -6.90
C GLU A 197 -22.70 -17.40 -6.85
N ALA A 198 -22.19 -16.31 -7.43
CA ALA A 198 -22.96 -15.07 -7.45
C ALA A 198 -24.19 -15.20 -8.34
N LEU A 199 -24.02 -15.81 -9.52
CA LEU A 199 -25.18 -16.07 -10.37
C LEU A 199 -26.22 -16.92 -9.64
N PHE A 200 -25.79 -18.06 -9.09
CA PHE A 200 -26.74 -18.97 -8.49
C PHE A 200 -27.44 -18.35 -7.29
N ALA A 201 -26.76 -17.48 -6.54
CA ALA A 201 -27.41 -16.80 -5.43
C ALA A 201 -28.62 -15.98 -5.87
N GLU A 202 -28.67 -15.60 -7.16
CA GLU A 202 -29.82 -14.84 -7.67
C GLU A 202 -31.10 -15.68 -7.68
N TYR A 203 -30.97 -17.01 -7.72
CA TYR A 203 -32.11 -17.91 -7.64
C TYR A 203 -32.22 -18.53 -6.25
N GLY A 204 -31.43 -18.04 -5.29
CA GLY A 204 -31.40 -18.64 -3.96
C GLY A 204 -30.88 -20.05 -3.93
N LYS A 205 -30.10 -20.45 -4.93
CA LYS A 205 -29.47 -21.75 -4.97
C LYS A 205 -27.97 -21.59 -4.75
N SER A 206 -27.29 -22.71 -4.51
CA SER A 206 -25.84 -22.70 -4.35
C SER A 206 -25.24 -23.87 -5.14
N ILE A 207 -23.91 -23.89 -5.18
CA ILE A 207 -23.19 -24.86 -6.01
C ILE A 207 -23.50 -26.29 -5.57
N SER A 208 -23.69 -26.52 -4.27
CA SER A 208 -24.02 -27.87 -3.80
C SER A 208 -25.38 -28.36 -4.28
N ASP A 209 -26.18 -27.52 -4.96
CA ASP A 209 -27.47 -27.94 -5.48
C ASP A 209 -27.42 -28.48 -6.90
N MET A 210 -26.29 -28.35 -7.59
CA MET A 210 -26.20 -28.51 -9.04
C MET A 210 -25.29 -29.68 -9.43
N THR A 211 -25.55 -30.23 -10.61
CA THR A 211 -24.61 -31.09 -11.30
C THR A 211 -23.94 -30.30 -12.42
N PHE A 212 -22.65 -30.60 -12.68
CA PHE A 212 -21.85 -29.87 -13.64
C PHE A 212 -21.17 -30.84 -14.62
N ALA A 213 -21.10 -30.44 -15.88
CA ALA A 213 -20.25 -31.09 -16.87
C ALA A 213 -19.22 -30.06 -17.36
N ILE A 214 -17.99 -30.53 -17.55
CA ILE A 214 -16.84 -29.65 -17.81
C ILE A 214 -16.09 -30.16 -19.03
N GLN A 215 -15.91 -29.31 -20.04
CA GLN A 215 -15.26 -29.67 -21.29
C GLN A 215 -13.86 -29.08 -21.30
N GLY A 216 -12.86 -29.94 -21.11
CA GLY A 216 -11.49 -29.50 -21.06
C GLY A 216 -10.96 -29.67 -19.64
N PHE A 217 -9.76 -30.21 -19.52
CA PHE A 217 -9.14 -30.43 -18.22
C PHE A 217 -7.72 -29.86 -18.23
N GLY A 218 -7.60 -28.59 -18.67
CA GLY A 218 -6.36 -27.84 -18.67
C GLY A 218 -6.19 -27.06 -17.39
N ASN A 219 -5.59 -25.85 -17.46
CA ASN A 219 -5.42 -25.07 -16.24
C ASN A 219 -6.76 -24.61 -15.68
N VAL A 220 -7.66 -24.13 -16.53
CA VAL A 220 -8.96 -23.67 -16.05
C VAL A 220 -9.80 -24.87 -15.59
N GLY A 221 -9.85 -25.93 -16.40
CA GLY A 221 -10.74 -27.04 -16.10
C GLY A 221 -10.44 -27.73 -14.79
N THR A 222 -9.15 -28.03 -14.53
CA THR A 222 -8.80 -28.69 -13.28
C THR A 222 -9.15 -27.83 -12.07
N TRP A 223 -8.73 -26.56 -12.08
CA TRP A 223 -8.96 -25.70 -10.92
C TRP A 223 -10.44 -25.39 -10.74
N ALA A 224 -11.17 -25.20 -11.84
CA ALA A 224 -12.62 -24.98 -11.72
C ALA A 224 -13.32 -26.20 -11.14
N ALA A 225 -12.90 -27.40 -11.54
CA ALA A 225 -13.51 -28.62 -11.02
C ALA A 225 -13.13 -28.85 -9.56
N LYS A 226 -11.88 -28.54 -9.19
CA LYS A 226 -11.48 -28.63 -7.80
C LYS A 226 -12.36 -27.73 -6.93
N ALA A 227 -12.54 -26.48 -7.34
CA ALA A 227 -13.30 -25.50 -6.56
C ALA A 227 -14.77 -25.87 -6.44
N ILE A 228 -15.37 -26.41 -7.51
CA ILE A 228 -16.75 -26.91 -7.43
C ILE A 228 -16.82 -28.08 -6.47
N PHE A 229 -15.88 -29.02 -6.61
CA PHE A 229 -15.91 -30.23 -5.81
C PHE A 229 -15.77 -29.92 -4.33
N GLU A 230 -14.91 -28.97 -3.97
CA GLU A 230 -14.73 -28.63 -2.57
C GLU A 230 -15.92 -27.82 -2.02
N ARG A 231 -16.72 -27.20 -2.88
CA ARG A 231 -17.90 -26.46 -2.44
C ARG A 231 -19.18 -27.30 -2.48
N GLY A 232 -19.05 -28.61 -2.66
CA GLY A 232 -20.20 -29.50 -2.64
C GLY A 232 -20.86 -29.74 -3.98
N GLY A 233 -20.28 -29.25 -5.08
CA GLY A 233 -20.84 -29.55 -6.38
C GLY A 233 -20.59 -30.99 -6.81
N LYS A 234 -21.54 -31.54 -7.55
CA LYS A 234 -21.41 -32.85 -8.19
C LYS A 234 -20.92 -32.64 -9.62
N VAL A 235 -19.66 -32.94 -9.88
CA VAL A 235 -19.14 -32.92 -11.24
C VAL A 235 -19.44 -34.30 -11.84
N VAL A 236 -20.35 -34.35 -12.81
CA VAL A 236 -20.86 -35.62 -13.32
C VAL A 236 -20.21 -36.01 -14.65
N ALA A 237 -19.42 -35.14 -15.27
CA ALA A 237 -18.78 -35.47 -16.54
C ALA A 237 -17.62 -34.52 -16.80
N VAL A 238 -16.47 -35.09 -17.16
CA VAL A 238 -15.24 -34.35 -17.44
C VAL A 238 -14.67 -34.84 -18.76
N SER A 239 -14.34 -33.89 -19.65
CA SER A 239 -13.79 -34.20 -20.95
C SER A 239 -12.43 -33.54 -21.13
N ASP A 240 -11.59 -34.16 -21.95
CA ASP A 240 -10.44 -33.46 -22.50
C ASP A 240 -10.29 -33.94 -23.95
N ILE A 241 -9.20 -33.55 -24.61
CA ILE A 241 -9.11 -33.80 -26.04
C ILE A 241 -9.04 -35.30 -26.33
N ASN A 242 -8.43 -36.08 -25.43
CA ASN A 242 -8.35 -37.52 -25.61
C ASN A 242 -9.66 -38.22 -25.22
N GLY A 243 -9.81 -38.52 -23.93
CA GLY A 243 -10.94 -39.27 -23.44
C GLY A 243 -11.87 -38.44 -22.58
N ALA A 244 -12.84 -39.13 -21.99
CA ALA A 244 -13.79 -38.48 -21.10
C ALA A 244 -14.32 -39.51 -20.11
N ILE A 245 -14.81 -39.00 -18.98
CA ILE A 245 -15.30 -39.85 -17.91
C ILE A 245 -16.57 -39.21 -17.33
N SER A 246 -17.49 -40.07 -16.88
CA SER A 246 -18.73 -39.62 -16.27
C SER A 246 -19.02 -40.46 -15.03
N ASN A 247 -19.88 -39.92 -14.18
CA ASN A 247 -20.32 -40.58 -12.95
C ASN A 247 -21.51 -39.82 -12.38
N PRO A 248 -22.72 -40.39 -12.47
CA PRO A 248 -23.92 -39.65 -12.02
C PRO A 248 -23.90 -39.30 -10.54
N ASN A 249 -23.14 -40.03 -9.72
CA ASN A 249 -22.99 -39.70 -8.30
C ASN A 249 -22.16 -38.44 -8.07
N GLY A 250 -21.36 -38.04 -9.06
CA GLY A 250 -20.34 -37.02 -8.88
C GLY A 250 -18.97 -37.66 -8.87
N ILE A 251 -18.07 -37.20 -9.74
CA ILE A 251 -16.72 -37.73 -9.77
C ILE A 251 -15.92 -37.15 -8.61
N ASP A 252 -15.14 -38.01 -7.95
CA ASP A 252 -14.16 -37.57 -6.96
C ASP A 252 -13.05 -36.81 -7.69
N ILE A 253 -13.15 -35.49 -7.74
CA ILE A 253 -12.15 -34.71 -8.45
C ILE A 253 -10.81 -34.77 -7.74
N ALA A 254 -10.83 -34.84 -6.40
CA ALA A 254 -9.58 -35.01 -5.67
C ALA A 254 -8.83 -36.25 -6.15
N ALA A 255 -9.54 -37.37 -6.27
CA ALA A 255 -8.92 -38.59 -6.79
C ALA A 255 -8.54 -38.43 -8.25
N LEU A 256 -9.38 -37.77 -9.04
CA LEU A 256 -9.11 -37.64 -10.47
C LEU A 256 -7.88 -36.79 -10.73
N LEU A 257 -7.67 -35.74 -9.93
CA LEU A 257 -6.47 -34.92 -10.09
C LEU A 257 -5.21 -35.70 -9.75
N LYS A 258 -5.27 -36.50 -8.69
CA LYS A 258 -4.15 -37.39 -8.36
C LYS A 258 -3.87 -38.35 -9.50
N HIS A 259 -4.93 -38.90 -10.11
CA HIS A 259 -4.76 -39.84 -11.21
C HIS A 259 -4.16 -39.16 -12.44
N LYS A 260 -4.68 -37.98 -12.81
CA LYS A 260 -4.09 -37.23 -13.91
C LYS A 260 -2.63 -36.91 -13.63
N ALA A 261 -2.31 -36.61 -12.37
CA ALA A 261 -0.97 -36.17 -12.00
C ALA A 261 0.06 -37.28 -12.20
N GLY A 262 -0.29 -38.52 -11.85
CA GLY A 262 0.61 -39.64 -12.04
C GLY A 262 0.62 -40.18 -13.44
N ASN A 263 0.34 -39.29 -14.41
CA ASN A 263 0.32 -39.61 -15.84
C ASN A 263 -0.76 -40.64 -16.15
N GLY A 264 -1.99 -40.27 -15.81
CA GLY A 264 -3.15 -41.11 -16.08
C GLY A 264 -4.14 -40.46 -17.02
N SER A 265 -4.58 -41.21 -18.03
CA SER A 265 -5.63 -40.73 -18.91
C SER A 265 -6.98 -40.80 -18.20
N LEU A 266 -7.85 -39.85 -18.53
CA LEU A 266 -9.20 -39.85 -17.97
C LEU A 266 -9.92 -41.18 -18.20
N LYS A 267 -9.84 -41.69 -19.43
CA LYS A 267 -10.64 -42.85 -19.84
C LYS A 267 -10.40 -44.08 -18.96
N ASP A 268 -9.28 -44.15 -18.25
CA ASP A 268 -8.95 -45.32 -17.42
C ASP A 268 -8.94 -44.99 -15.93
N PHE A 269 -9.57 -43.89 -15.54
CA PHE A 269 -9.79 -43.60 -14.13
C PHE A 269 -10.84 -44.54 -13.56
N SER A 270 -10.53 -45.17 -12.43
CA SER A 270 -11.41 -46.17 -11.85
C SER A 270 -12.64 -45.59 -11.18
N GLY A 271 -12.68 -44.29 -10.91
CA GLY A 271 -13.81 -43.71 -10.21
C GLY A 271 -14.93 -43.19 -11.11
N GLY A 272 -15.09 -43.81 -12.26
CA GLY A 272 -16.13 -43.37 -13.17
C GLY A 272 -16.26 -44.30 -14.35
N ASP A 273 -16.93 -43.82 -15.39
CA ASP A 273 -17.19 -44.59 -16.60
C ASP A 273 -16.65 -43.85 -17.81
N ALA A 274 -16.07 -44.61 -18.74
CA ALA A 274 -15.53 -43.99 -19.95
C ALA A 274 -16.67 -43.61 -20.88
N MET A 275 -16.63 -42.38 -21.38
CA MET A 275 -17.65 -41.85 -22.28
C MET A 275 -16.97 -41.16 -23.46
N ASN A 276 -17.75 -40.97 -24.53
CA ASN A 276 -17.25 -40.32 -25.74
C ASN A 276 -17.15 -38.82 -25.52
N PRO A 277 -15.95 -38.22 -25.64
CA PRO A 277 -15.83 -36.79 -25.38
C PRO A 277 -16.71 -35.92 -26.26
N ASN A 278 -17.12 -36.41 -27.43
CA ASN A 278 -18.02 -35.63 -28.27
C ASN A 278 -19.43 -35.55 -27.71
N ASP A 279 -19.79 -36.39 -26.73
CA ASP A 279 -21.10 -36.32 -26.10
C ASP A 279 -21.12 -35.43 -24.87
N LEU A 280 -20.02 -34.74 -24.54
CA LEU A 280 -20.01 -33.99 -23.29
C LEU A 280 -20.97 -32.81 -23.36
N LEU A 281 -20.89 -31.99 -24.42
CA LEU A 281 -21.68 -30.77 -24.48
C LEU A 281 -23.18 -31.04 -24.32
N VAL A 282 -23.66 -32.22 -24.69
CA VAL A 282 -25.09 -32.50 -24.62
C VAL A 282 -25.36 -33.48 -23.48
N HIS A 283 -24.48 -33.48 -22.48
CA HIS A 283 -24.68 -34.32 -21.30
C HIS A 283 -25.89 -33.82 -20.52
N ASP A 284 -26.54 -34.73 -19.80
CA ASP A 284 -27.67 -34.38 -18.94
C ASP A 284 -27.13 -33.88 -17.60
N CYS A 285 -27.32 -32.59 -17.34
CA CYS A 285 -26.77 -31.97 -16.13
C CYS A 285 -27.36 -30.58 -16.01
N ASP A 286 -27.12 -29.95 -14.86
CA ASP A 286 -27.66 -28.63 -14.58
C ASP A 286 -26.83 -27.54 -15.25
N VAL A 287 -25.50 -27.63 -15.17
CA VAL A 287 -24.60 -26.56 -15.59
C VAL A 287 -23.57 -27.14 -16.54
N LEU A 288 -23.35 -26.47 -17.67
CA LEU A 288 -22.30 -26.81 -18.61
C LEU A 288 -21.20 -25.76 -18.54
N ILE A 289 -19.94 -26.20 -18.63
CA ILE A 289 -18.80 -25.28 -18.53
C ILE A 289 -17.76 -25.60 -19.60
N PRO A 290 -17.79 -24.92 -20.75
CA PRO A 290 -16.72 -25.08 -21.75
C PRO A 290 -15.42 -24.45 -21.26
N CYS A 291 -14.36 -25.27 -21.16
CA CYS A 291 -13.05 -24.81 -20.73
C CYS A 291 -11.95 -25.06 -21.76
N ALA A 292 -12.30 -25.48 -22.97
CA ALA A 292 -11.30 -25.94 -23.91
C ALA A 292 -11.29 -24.96 -25.08
N LEU A 293 -11.87 -25.29 -26.22
CA LEU A 293 -11.85 -24.44 -27.39
C LEU A 293 -13.12 -23.61 -27.45
N GLY A 294 -13.14 -22.67 -28.39
CA GLY A 294 -14.31 -21.86 -28.64
C GLY A 294 -15.10 -22.38 -29.84
N GLY A 295 -16.26 -21.78 -30.05
CA GLY A 295 -17.12 -22.14 -31.15
C GLY A 295 -17.61 -23.58 -31.12
N VAL A 296 -17.40 -24.27 -30.00
CA VAL A 296 -17.88 -25.63 -29.83
C VAL A 296 -19.40 -25.69 -29.77
N LEU A 297 -20.06 -24.60 -29.36
CA LEU A 297 -21.51 -24.52 -29.31
C LEU A 297 -22.00 -23.73 -30.52
N ASN A 298 -22.58 -24.43 -31.48
CA ASN A 298 -23.13 -23.82 -32.70
C ASN A 298 -24.61 -24.16 -32.78
N LYS A 299 -25.23 -23.98 -33.95
CA LYS A 299 -26.65 -24.25 -34.05
C LYS A 299 -26.97 -25.71 -34.37
N GLU A 300 -25.97 -26.55 -34.67
CA GLU A 300 -26.22 -27.96 -34.89
C GLU A 300 -26.47 -28.72 -33.59
N ASN A 301 -25.87 -28.26 -32.48
CA ASN A 301 -26.00 -28.91 -31.20
C ASN A 301 -26.72 -28.08 -30.14
N ALA A 302 -27.05 -26.82 -30.44
CA ALA A 302 -27.60 -25.92 -29.43
C ALA A 302 -28.93 -26.41 -28.88
N ASN A 303 -29.82 -26.87 -29.75
CA ASN A 303 -31.11 -27.36 -29.28
C ASN A 303 -30.97 -28.63 -28.44
N ASP A 304 -29.85 -29.33 -28.58
CA ASP A 304 -29.58 -30.57 -27.87
C ASP A 304 -28.92 -30.36 -26.52
N VAL A 305 -28.62 -29.11 -26.17
CA VAL A 305 -28.00 -28.85 -24.88
C VAL A 305 -29.02 -29.08 -23.77
N LYS A 306 -28.66 -29.92 -22.82
CA LYS A 306 -29.53 -30.26 -21.71
C LYS A 306 -29.36 -29.34 -20.51
N ALA A 307 -28.23 -28.64 -20.42
CA ALA A 307 -27.99 -27.79 -19.26
C ALA A 307 -28.88 -26.55 -19.30
N LYS A 308 -29.20 -26.04 -18.12
CA LYS A 308 -29.94 -24.80 -17.96
C LYS A 308 -29.04 -23.61 -17.65
N PHE A 309 -27.73 -23.84 -17.50
CA PHE A 309 -26.74 -22.80 -17.26
C PHE A 309 -25.49 -23.13 -18.05
N ILE A 310 -24.92 -22.13 -18.72
CA ILE A 310 -23.64 -22.26 -19.40
C ILE A 310 -22.69 -21.23 -18.81
N ILE A 311 -21.57 -21.71 -18.27
CA ILE A 311 -20.51 -20.87 -17.70
C ILE A 311 -19.37 -20.83 -18.71
N GLU A 312 -19.21 -19.71 -19.41
CA GLU A 312 -18.22 -19.60 -20.48
C GLU A 312 -16.85 -19.38 -19.87
N ALA A 313 -16.18 -20.48 -19.53
CA ALA A 313 -14.81 -20.40 -19.02
C ALA A 313 -13.81 -20.20 -20.15
N ALA A 314 -13.98 -20.95 -21.25
CA ALA A 314 -13.18 -20.68 -22.43
C ALA A 314 -13.63 -19.38 -23.08
N ASN A 315 -12.82 -18.86 -23.99
CA ASN A 315 -13.16 -17.65 -24.71
C ASN A 315 -13.90 -17.99 -26.01
N HIS A 316 -15.06 -17.36 -26.20
CA HIS A 316 -15.94 -17.47 -27.37
C HIS A 316 -16.42 -18.89 -27.62
N PRO A 317 -17.08 -19.54 -26.64
CA PRO A 317 -17.48 -20.95 -26.84
C PRO A 317 -18.82 -21.10 -27.52
N THR A 318 -19.64 -20.04 -27.53
CA THR A 318 -20.96 -20.08 -28.13
C THR A 318 -21.05 -19.01 -29.22
N ASP A 319 -21.53 -19.38 -30.39
CA ASP A 319 -21.63 -18.41 -31.49
C ASP A 319 -22.99 -17.73 -31.45
N PRO A 320 -23.20 -16.70 -32.28
CA PRO A 320 -24.52 -16.06 -32.35
C PRO A 320 -25.70 -17.00 -32.53
N ASP A 321 -25.56 -18.01 -33.40
CA ASP A 321 -26.60 -19.02 -33.57
C ASP A 321 -27.05 -19.56 -32.22
N ALA A 322 -26.13 -20.24 -31.52
CA ALA A 322 -26.49 -20.90 -30.29
C ALA A 322 -26.97 -19.91 -29.25
N ASP A 323 -26.35 -18.72 -29.20
CA ASP A 323 -26.71 -17.72 -28.20
C ASP A 323 -28.21 -17.43 -28.21
N GLU A 324 -28.84 -17.51 -29.37
CA GLU A 324 -30.28 -17.31 -29.45
C GLU A 324 -31.05 -18.61 -29.22
N ILE A 325 -30.61 -19.70 -29.84
CA ILE A 325 -31.28 -20.99 -29.66
C ILE A 325 -31.33 -21.35 -28.17
N LEU A 326 -30.24 -21.07 -27.45
CA LEU A 326 -30.23 -21.36 -26.02
C LEU A 326 -30.99 -20.32 -25.22
N SER A 327 -31.00 -19.08 -25.69
CA SER A 327 -31.71 -18.02 -24.99
C SER A 327 -33.21 -18.27 -24.95
N LYS A 328 -33.77 -18.82 -26.02
CA LYS A 328 -35.20 -19.12 -25.98
C LYS A 328 -35.51 -20.50 -25.42
N LYS A 329 -34.52 -21.40 -25.33
CA LYS A 329 -34.68 -22.61 -24.52
C LYS A 329 -34.67 -22.31 -23.02
N GLY A 330 -34.42 -21.06 -22.62
CA GLY A 330 -34.37 -20.70 -21.23
C GLY A 330 -33.01 -20.81 -20.59
N VAL A 331 -31.97 -21.10 -21.36
CA VAL A 331 -30.64 -21.28 -20.80
C VAL A 331 -30.03 -19.93 -20.49
N ILE A 332 -29.52 -19.77 -19.27
CA ILE A 332 -28.79 -18.56 -18.89
C ILE A 332 -27.32 -18.78 -19.20
N ILE A 333 -26.71 -17.79 -19.85
CA ILE A 333 -25.31 -17.90 -20.26
C ILE A 333 -24.50 -16.82 -19.53
N LEU A 334 -23.47 -17.26 -18.80
CA LEU A 334 -22.56 -16.35 -18.11
C LEU A 334 -21.36 -16.06 -19.01
N PRO A 335 -21.17 -14.82 -19.46
CA PRO A 335 -20.29 -14.57 -20.61
C PRO A 335 -18.81 -14.61 -20.28
N ASP A 336 -18.04 -15.06 -21.28
CA ASP A 336 -16.60 -15.24 -21.14
C ASP A 336 -15.92 -13.97 -20.61
N VAL A 337 -16.23 -12.82 -21.20
CA VAL A 337 -15.53 -11.58 -20.85
C VAL A 337 -15.56 -11.35 -19.34
N TYR A 338 -16.60 -11.80 -18.66
CA TYR A 338 -16.66 -11.72 -17.20
C TYR A 338 -16.18 -12.99 -16.52
N ALA A 339 -16.72 -14.14 -16.93
CA ALA A 339 -16.61 -15.36 -16.13
C ALA A 339 -15.16 -15.83 -15.95
N ASN A 340 -14.32 -15.70 -16.99
CA ASN A 340 -12.94 -16.16 -16.85
C ASN A 340 -11.97 -15.05 -16.42
N ALA A 341 -12.46 -13.91 -15.94
CA ALA A 341 -11.61 -12.76 -15.69
C ALA A 341 -10.82 -12.84 -14.38
N GLY A 342 -10.90 -13.96 -13.66
CA GLY A 342 -10.08 -14.13 -12.46
C GLY A 342 -8.59 -14.03 -12.74
N GLY A 343 -8.15 -14.49 -13.91
CA GLY A 343 -6.76 -14.32 -14.31
C GLY A 343 -6.28 -12.88 -14.30
N VAL A 344 -6.96 -11.99 -15.02
CA VAL A 344 -6.46 -10.61 -15.09
C VAL A 344 -6.62 -9.93 -13.74
N THR A 345 -7.60 -10.35 -12.94
CA THR A 345 -7.80 -9.77 -11.62
C THR A 345 -6.63 -10.09 -10.69
N VAL A 346 -6.19 -11.36 -10.64
CA VAL A 346 -5.07 -11.66 -9.75
C VAL A 346 -3.77 -11.08 -10.27
N SER A 347 -3.62 -10.94 -11.60
CA SER A 347 -2.44 -10.24 -12.11
C SER A 347 -2.45 -8.78 -11.65
N TYR A 348 -3.63 -8.17 -11.58
CA TYR A 348 -3.73 -6.85 -10.96
C TYR A 348 -3.28 -6.89 -9.50
N PHE A 349 -3.75 -7.88 -8.74
CA PHE A 349 -3.35 -7.98 -7.34
C PHE A 349 -1.84 -8.16 -7.20
N GLU A 350 -1.21 -8.84 -8.15
CA GLU A 350 0.25 -8.97 -8.13
C GLU A 350 0.90 -7.61 -8.26
N TRP A 351 0.41 -6.80 -9.20
CA TRP A 351 0.89 -5.46 -9.41
C TRP A 351 0.67 -4.59 -8.17
N VAL A 352 -0.48 -4.74 -7.52
CA VAL A 352 -0.72 -4.00 -6.27
C VAL A 352 0.30 -4.39 -5.21
N GLN A 353 0.50 -5.70 -5.02
CA GLN A 353 1.44 -6.17 -4.01
C GLN A 353 2.84 -5.60 -4.24
N ASN A 354 3.31 -5.59 -5.49
CA ASN A 354 4.61 -5.01 -5.80
C ASN A 354 4.62 -3.51 -5.50
N ILE A 355 3.58 -2.78 -5.94
CA ILE A 355 3.47 -1.35 -5.66
C ILE A 355 3.51 -1.11 -4.14
N GLN A 356 2.85 -1.97 -3.36
CA GLN A 356 2.84 -1.78 -1.92
C GLN A 356 4.06 -2.39 -1.24
N GLY A 357 4.96 -3.03 -2.01
CA GLY A 357 6.22 -3.51 -1.48
C GLY A 357 6.07 -4.56 -0.42
N PHE A 358 4.94 -5.31 -0.44
CA PHE A 358 4.58 -6.20 0.67
C PHE A 358 3.61 -7.24 0.14
N MET A 359 4.00 -8.52 0.17
CA MET A 359 3.18 -9.54 -0.48
C MET A 359 1.99 -9.91 0.41
N TRP A 360 0.92 -10.37 -0.22
CA TRP A 360 -0.27 -10.89 0.45
C TRP A 360 -0.13 -12.40 0.65
N ASP A 361 -0.81 -12.94 1.68
CA ASP A 361 -0.91 -14.39 1.71
C ASP A 361 -2.07 -14.85 0.82
N GLU A 362 -2.18 -16.17 0.64
CA GLU A 362 -3.09 -16.66 -0.40
C GLU A 362 -4.55 -16.48 -0.02
N GLU A 363 -4.86 -16.57 1.28
CA GLU A 363 -6.22 -16.29 1.75
C GLU A 363 -6.63 -14.86 1.41
N LYS A 364 -5.74 -13.89 1.62
CA LYS A 364 -6.04 -12.51 1.23
C LYS A 364 -6.25 -12.39 -0.28
N VAL A 365 -5.45 -13.10 -1.09
CA VAL A 365 -5.60 -13.03 -2.54
C VAL A 365 -6.97 -13.54 -2.96
N ASN A 366 -7.36 -14.70 -2.42
CA ASN A 366 -8.66 -15.27 -2.75
C ASN A 366 -9.81 -14.47 -2.15
N GLN A 367 -9.61 -13.86 -0.99
CA GLN A 367 -10.64 -12.98 -0.43
C GLN A 367 -10.92 -11.82 -1.37
N GLU A 368 -9.87 -11.19 -1.91
CA GLU A 368 -10.11 -10.05 -2.80
C GLU A 368 -10.61 -10.50 -4.16
N LEU A 369 -10.15 -11.67 -4.65
CA LEU A 369 -10.71 -12.19 -5.90
C LEU A 369 -12.21 -12.35 -5.78
N LYS A 370 -12.68 -12.91 -4.67
CA LYS A 370 -14.11 -13.09 -4.47
C LYS A 370 -14.83 -11.74 -4.40
N ARG A 371 -14.26 -10.78 -3.67
CA ARG A 371 -14.88 -9.47 -3.60
C ARG A 371 -15.01 -8.86 -4.98
N TYR A 372 -13.96 -8.98 -5.81
CA TYR A 372 -13.97 -8.35 -7.13
C TYR A 372 -14.96 -9.04 -8.06
N MET A 373 -15.02 -10.37 -8.02
CA MET A 373 -15.92 -11.09 -8.92
C MET A 373 -17.37 -10.87 -8.51
N THR A 374 -17.66 -10.92 -7.21
CA THR A 374 -19.03 -10.71 -6.74
C THR A 374 -19.51 -9.29 -7.07
N LYS A 375 -18.66 -8.30 -6.83
CA LYS A 375 -19.05 -6.92 -7.10
C LYS A 375 -19.26 -6.70 -8.60
N ALA A 376 -18.49 -7.40 -9.43
CA ALA A 376 -18.67 -7.26 -10.87
C ALA A 376 -19.97 -7.90 -11.35
N PHE A 377 -20.36 -9.03 -10.74
CA PHE A 377 -21.63 -9.64 -11.14
C PHE A 377 -22.81 -8.74 -10.77
N ASN A 378 -22.76 -8.13 -9.59
CA ASN A 378 -23.85 -7.23 -9.20
C ASN A 378 -23.92 -6.01 -10.14
N ASP A 379 -22.78 -5.49 -10.59
CA ASP A 379 -22.81 -4.37 -11.53
C ASP A 379 -23.38 -4.80 -12.88
N ILE A 380 -23.02 -6.01 -13.33
CA ILE A 380 -23.54 -6.56 -14.57
C ILE A 380 -25.04 -6.76 -14.49
N LYS A 381 -25.51 -7.40 -13.43
CA LYS A 381 -26.93 -7.67 -13.29
C LYS A 381 -27.71 -6.37 -13.20
N ALA A 382 -27.17 -5.36 -12.53
CA ALA A 382 -27.81 -4.04 -12.50
C ALA A 382 -27.97 -3.45 -13.90
N ASN A 383 -26.96 -3.61 -14.75
CA ASN A 383 -27.05 -3.13 -16.12
C ASN A 383 -28.10 -3.88 -16.92
N CYS A 384 -28.21 -5.20 -16.73
CA CYS A 384 -29.26 -5.96 -17.40
C CYS A 384 -30.64 -5.42 -17.07
N LYS A 385 -30.83 -4.86 -15.89
CA LYS A 385 -32.12 -4.24 -15.61
C LYS A 385 -32.26 -2.94 -16.39
N THR A 386 -31.22 -2.09 -16.34
CA THR A 386 -31.30 -0.78 -16.98
C THR A 386 -31.58 -0.89 -18.48
N HIS A 387 -30.99 -1.89 -19.14
CA HIS A 387 -31.08 -2.03 -20.58
C HIS A 387 -31.91 -3.23 -21.02
N ASN A 388 -32.50 -3.96 -20.08
CA ASN A 388 -33.26 -5.17 -20.36
C ASN A 388 -32.59 -6.04 -21.41
N CYS A 389 -31.38 -6.47 -21.09
CA CYS A 389 -30.56 -7.26 -21.99
C CYS A 389 -30.02 -8.50 -21.27
N ASP A 390 -29.44 -9.41 -22.04
CA ASP A 390 -28.86 -10.61 -21.45
C ASP A 390 -27.58 -10.27 -20.69
N LEU A 391 -27.01 -11.28 -20.02
CA LEU A 391 -25.81 -11.03 -19.22
C LEU A 391 -24.60 -10.67 -20.08
N ARG A 392 -24.55 -11.15 -21.32
CA ARG A 392 -23.42 -10.79 -22.18
C ARG A 392 -23.41 -9.30 -22.50
N MET A 393 -24.57 -8.73 -22.80
CA MET A 393 -24.62 -7.30 -23.12
C MET A 393 -24.59 -6.43 -21.86
N GLY A 394 -25.15 -6.90 -20.75
CA GLY A 394 -24.87 -6.26 -19.47
C GLY A 394 -23.39 -6.09 -19.21
N ALA A 395 -22.60 -7.14 -19.46
CA ALA A 395 -21.16 -7.06 -19.26
C ALA A 395 -20.50 -6.07 -20.22
N PHE A 396 -20.81 -6.18 -21.52
CA PHE A 396 -20.12 -5.33 -22.49
C PHE A 396 -20.55 -3.87 -22.35
N THR A 397 -21.84 -3.60 -22.17
CA THR A 397 -22.23 -2.21 -21.95
C THR A 397 -21.57 -1.65 -20.69
N LEU A 398 -21.35 -2.49 -19.67
CA LEU A 398 -20.72 -2.03 -18.44
C LEU A 398 -19.29 -1.57 -18.69
N GLY A 399 -18.48 -2.43 -19.29
CA GLY A 399 -17.10 -2.06 -19.59
C GLY A 399 -16.99 -0.94 -20.60
N LEU A 400 -17.80 -1.01 -21.68
CA LEU A 400 -17.73 0.04 -22.69
C LEU A 400 -18.11 1.39 -22.10
N ASN A 401 -19.20 1.43 -21.32
CA ASN A 401 -19.63 2.68 -20.72
C ASN A 401 -18.59 3.23 -19.74
N ARG A 402 -17.88 2.36 -19.02
CA ARG A 402 -16.86 2.83 -18.08
C ARG A 402 -15.68 3.45 -18.82
N VAL A 403 -15.28 2.87 -19.96
CA VAL A 403 -14.21 3.48 -20.74
C VAL A 403 -14.69 4.81 -21.34
N ALA A 404 -15.94 4.86 -21.81
CA ALA A 404 -16.46 6.11 -22.38
C ALA A 404 -16.52 7.21 -21.32
N ARG A 405 -17.04 6.91 -20.13
CA ARG A 405 -17.14 7.91 -19.07
C ARG A 405 -15.76 8.46 -18.70
N ALA A 406 -14.79 7.58 -18.52
CA ALA A 406 -13.45 8.04 -18.20
C ALA A 406 -12.88 8.88 -19.35
N THR A 407 -13.06 8.43 -20.60
CA THR A 407 -12.56 9.21 -21.74
C THR A 407 -13.17 10.61 -21.75
N LEU A 408 -14.49 10.70 -21.50
CA LEU A 408 -15.19 11.98 -21.55
C LEU A 408 -14.84 12.86 -20.36
N LEU A 409 -14.64 12.26 -19.18
CA LEU A 409 -14.24 13.06 -18.01
C LEU A 409 -12.91 13.75 -18.26
N ARG A 410 -11.98 13.03 -18.90
CA ARG A 410 -10.63 13.53 -19.14
C ARG A 410 -10.64 14.70 -20.12
N GLY A 411 -11.47 14.65 -21.15
CA GLY A 411 -11.59 15.77 -22.06
C GLY A 411 -10.67 15.67 -23.28
N TRP A 412 -10.79 16.70 -24.14
CA TRP A 412 -10.20 16.68 -25.47
C TRP A 412 -9.32 17.88 -25.78
N GLU A 413 -9.25 18.88 -24.92
CA GLU A 413 -8.41 20.03 -25.22
C GLU A 413 -6.95 19.66 -24.97
N ALA A 414 -6.04 20.42 -25.57
CA ALA A 414 -4.61 20.06 -25.55
C ALA A 414 -3.91 20.42 -24.23
N MET B 4 -13.62 37.00 4.78
CA MET B 4 -12.17 37.03 4.60
C MET B 4 -11.47 37.26 5.95
N ASN B 5 -12.16 36.87 7.02
CA ASN B 5 -11.61 36.84 8.37
C ASN B 5 -10.53 35.81 8.55
N ALA B 6 -10.21 35.05 7.49
CA ALA B 6 -9.18 34.03 7.60
C ALA B 6 -7.80 34.65 7.80
N LEU B 7 -7.55 35.79 7.16
CA LEU B 7 -6.32 36.54 7.40
C LEU B 7 -6.19 36.91 8.89
N VAL B 8 -7.18 37.65 9.41
CA VAL B 8 -7.04 38.17 10.77
C VAL B 8 -7.04 37.04 11.81
N ALA B 9 -7.86 35.99 11.59
CA ALA B 9 -7.98 34.91 12.59
C ALA B 9 -6.74 34.02 12.65
N THR B 10 -6.22 33.60 11.48
CA THR B 10 -5.01 32.78 11.45
C THR B 10 -3.82 33.50 12.10
N ASN B 11 -3.74 34.83 11.92
CA ASN B 11 -2.62 35.58 12.46
C ASN B 11 -2.68 35.64 13.98
N ARG B 12 -3.86 35.97 14.54
CA ARG B 12 -4.02 36.00 16.00
C ARG B 12 -3.62 34.67 16.62
N ASN B 13 -4.20 33.59 16.09
CA ASN B 13 -4.04 32.27 16.68
C ASN B 13 -2.59 31.82 16.67
N PHE B 14 -1.89 32.03 15.54
CA PHE B 14 -0.46 31.71 15.47
C PHE B 14 0.32 32.43 16.58
N GLN B 15 0.08 33.73 16.74
CA GLN B 15 0.82 34.51 17.72
C GLN B 15 0.55 34.00 19.13
N ARG B 16 -0.72 33.86 19.49
CA ARG B 16 -1.07 33.32 20.81
C ARG B 16 -0.39 31.98 21.05
N ALA B 17 -0.51 31.06 20.07
CA ALA B 17 0.04 29.72 20.25
C ALA B 17 1.55 29.75 20.36
N SER B 18 2.20 30.59 19.56
CA SER B 18 3.64 30.66 19.57
C SER B 18 4.16 31.12 20.92
N ARG B 19 3.45 32.06 21.56
CA ARG B 19 3.85 32.53 22.90
C ARG B 19 3.59 31.47 23.96
N ILE B 20 2.48 30.74 23.85
CA ILE B 20 2.22 29.65 24.79
C ILE B 20 3.34 28.61 24.70
N LEU B 21 3.84 28.36 23.50
CA LEU B 21 4.92 27.40 23.34
C LEU B 21 6.27 28.00 23.66
N GLY B 22 6.38 29.32 23.75
CA GLY B 22 7.70 29.94 23.85
C GLY B 22 8.63 29.68 22.68
N LEU B 23 8.12 29.69 21.46
CA LEU B 23 8.95 29.43 20.28
C LEU B 23 10.07 30.46 20.17
N ASP B 24 11.26 30.01 19.78
CA ASP B 24 12.35 30.94 19.53
C ASP B 24 11.96 31.88 18.39
N SER B 25 12.35 33.15 18.50
CA SER B 25 11.89 34.15 17.54
C SER B 25 12.48 33.94 16.15
N LYS B 26 13.73 33.45 16.06
CA LYS B 26 14.31 33.14 14.75
C LYS B 26 13.64 31.93 14.10
N LEU B 27 13.30 30.91 14.90
CA LEU B 27 12.51 29.80 14.37
C LEU B 27 11.15 30.28 13.91
N GLU B 28 10.50 31.13 14.71
CA GLU B 28 9.20 31.68 14.34
C GLU B 28 9.25 32.40 13.00
N LYS B 29 10.29 33.23 12.80
CA LYS B 29 10.46 33.95 11.54
C LYS B 29 10.53 32.99 10.36
N SER B 30 11.38 31.96 10.45
CA SER B 30 11.41 30.98 9.38
C SER B 30 10.05 30.36 9.17
N LEU B 31 9.35 30.01 10.26
CA LEU B 31 8.06 29.34 10.11
C LEU B 31 7.03 30.23 9.40
N LEU B 32 7.15 31.56 9.55
CA LEU B 32 6.22 32.46 8.89
C LEU B 32 6.51 32.61 7.41
N ILE B 33 7.79 32.60 7.01
CA ILE B 33 8.17 32.71 5.60
C ILE B 33 7.77 31.46 4.82
N PRO B 34 6.96 31.61 3.77
CA PRO B 34 6.60 30.46 2.95
C PRO B 34 7.80 29.91 2.20
N TYR B 35 7.79 28.60 2.01
CA TYR B 35 8.83 27.93 1.23
C TYR B 35 8.98 28.56 -0.15
N ARG B 36 7.87 28.74 -0.87
CA ARG B 36 7.95 29.23 -2.23
C ARG B 36 6.64 29.88 -2.64
N GLU B 37 6.73 31.03 -3.30
CA GLU B 37 5.59 31.73 -3.87
C GLU B 37 5.78 31.86 -5.38
N ILE B 38 4.76 31.49 -6.14
CA ILE B 38 4.83 31.40 -7.59
C ILE B 38 3.65 32.17 -8.19
N LYS B 39 3.93 33.01 -9.20
CA LYS B 39 2.92 33.55 -10.10
C LYS B 39 3.30 33.22 -11.54
N VAL B 40 2.32 32.86 -12.38
CA VAL B 40 2.59 32.46 -13.76
C VAL B 40 1.54 33.06 -14.69
N GLU B 41 1.95 33.42 -15.91
CA GLU B 41 0.98 33.87 -16.90
C GLU B 41 0.18 32.70 -17.45
N CYS B 42 -1.14 32.86 -17.54
CA CYS B 42 -2.05 31.88 -18.13
C CYS B 42 -2.88 32.55 -19.22
N THR B 43 -2.49 32.39 -20.48
CA THR B 43 -3.19 32.97 -21.60
C THR B 43 -3.81 31.87 -22.46
N ILE B 44 -5.06 32.03 -22.85
CA ILE B 44 -5.77 31.02 -23.65
C ILE B 44 -6.53 31.71 -24.75
N PRO B 45 -6.81 30.97 -25.83
CA PRO B 45 -7.77 31.48 -26.82
C PRO B 45 -9.18 31.17 -26.35
N LYS B 46 -10.05 32.17 -26.42
CA LYS B 46 -11.46 31.94 -26.14
C LYS B 46 -12.09 31.12 -27.28
N ASP B 47 -13.36 30.75 -27.10
CA ASP B 47 -14.06 29.95 -28.10
C ASP B 47 -14.09 30.66 -29.46
N ASP B 48 -14.14 31.99 -29.48
CA ASP B 48 -14.10 32.74 -30.73
C ASP B 48 -12.67 33.08 -31.17
N GLY B 49 -11.64 32.53 -30.51
CA GLY B 49 -10.27 32.71 -30.94
C GLY B 49 -9.53 33.88 -30.32
N SER B 50 -10.23 34.87 -29.75
CA SER B 50 -9.55 36.01 -29.14
C SER B 50 -8.90 35.59 -27.82
N LEU B 51 -7.91 36.38 -27.39
CA LEU B 51 -7.07 36.01 -26.25
C LEU B 51 -7.58 36.66 -24.98
N VAL B 52 -7.45 35.92 -23.88
CA VAL B 52 -7.58 36.47 -22.54
C VAL B 52 -6.38 36.01 -21.73
N SER B 53 -5.92 36.88 -20.84
CA SER B 53 -4.71 36.66 -20.08
C SER B 53 -5.01 36.79 -18.59
N TYR B 54 -4.72 35.74 -17.85
CA TYR B 54 -4.88 35.70 -16.40
C TYR B 54 -3.52 35.41 -15.76
N VAL B 55 -3.46 35.57 -14.45
CA VAL B 55 -2.26 35.26 -13.66
C VAL B 55 -2.63 34.15 -12.68
N GLY B 56 -2.01 32.99 -12.84
CA GLY B 56 -2.15 31.92 -11.87
C GLY B 56 -1.11 32.02 -10.76
N PHE B 57 -1.36 31.35 -9.63
CA PHE B 57 -0.44 31.46 -8.51
C PHE B 57 -0.51 30.21 -7.65
N ARG B 58 0.61 29.94 -6.96
CA ARG B 58 0.68 28.88 -5.96
C ARG B 58 1.59 29.36 -4.85
N ILE B 59 1.05 29.46 -3.64
CA ILE B 59 1.83 29.72 -2.43
C ILE B 59 2.07 28.37 -1.76
N GLN B 60 3.33 27.97 -1.66
CA GLN B 60 3.72 26.74 -1.00
C GLN B 60 4.33 27.12 0.34
N HIS B 61 3.59 26.90 1.42
CA HIS B 61 4.01 27.50 2.68
C HIS B 61 5.08 26.67 3.40
N ASP B 62 4.89 25.35 3.53
CA ASP B 62 5.73 24.57 4.41
C ASP B 62 5.62 23.09 4.04
N ASN B 63 6.75 22.38 4.12
CA ASN B 63 6.75 20.96 3.80
C ASN B 63 7.60 20.14 4.77
N ALA B 64 7.78 20.62 6.01
CA ALA B 64 8.60 19.88 6.96
C ALA B 64 7.99 18.52 7.29
N ARG B 65 6.66 18.43 7.32
CA ARG B 65 5.99 17.18 7.67
C ARG B 65 5.56 16.36 6.46
N GLY B 66 5.75 16.88 5.23
CA GLY B 66 5.44 16.12 4.04
C GLY B 66 5.10 16.99 2.86
N PRO B 67 4.55 16.41 1.79
CA PRO B 67 4.20 17.22 0.61
C PRO B 67 3.17 18.28 0.98
N MET B 68 3.25 19.41 0.29
CA MET B 68 2.24 20.45 0.50
C MET B 68 0.89 20.00 -0.07
N LYS B 69 -0.16 20.61 0.45
CA LYS B 69 -1.53 20.22 0.18
C LYS B 69 -2.36 21.50 0.23
N GLY B 70 -3.21 21.72 -0.77
CA GLY B 70 -4.16 22.81 -0.67
C GLY B 70 -4.97 23.12 -1.92
N GLY B 71 -6.06 23.90 -1.76
CA GLY B 71 -7.01 24.11 -2.83
C GLY B 71 -6.54 25.06 -3.92
N ILE B 72 -7.25 24.97 -5.04
CA ILE B 72 -7.06 25.78 -6.24
C ILE B 72 -8.32 26.64 -6.41
N ARG B 73 -8.20 27.97 -6.27
CA ARG B 73 -9.35 28.88 -6.29
C ARG B 73 -9.45 29.62 -7.61
N TYR B 74 -10.56 29.45 -8.33
CA TYR B 74 -10.87 30.28 -9.49
C TYR B 74 -11.80 31.38 -8.99
N HIS B 75 -11.23 32.55 -8.70
CA HIS B 75 -11.96 33.61 -8.04
C HIS B 75 -11.29 34.92 -8.37
N PRO B 76 -12.05 36.01 -8.61
CA PRO B 76 -11.41 37.27 -9.02
C PRO B 76 -10.58 37.93 -7.93
N GLU B 77 -10.88 37.70 -6.66
CA GLU B 77 -10.16 38.36 -5.57
C GLU B 77 -8.95 37.53 -5.16
N VAL B 78 -7.76 38.12 -5.28
CA VAL B 78 -6.54 37.34 -5.07
C VAL B 78 -5.54 38.10 -4.22
N ASP B 79 -6.00 38.72 -3.14
CA ASP B 79 -5.10 39.40 -2.22
C ASP B 79 -3.99 38.47 -1.72
N PRO B 80 -2.71 38.80 -1.94
CA PRO B 80 -1.63 37.87 -1.56
C PRO B 80 -1.53 37.63 -0.06
N ASP B 81 -1.86 38.61 0.77
CA ASP B 81 -1.78 38.38 2.21
C ASP B 81 -2.82 37.36 2.66
N GLU B 82 -4.00 37.38 2.04
CA GLU B 82 -5.02 36.38 2.33
C GLU B 82 -4.63 35.01 1.80
N VAL B 83 -4.07 34.94 0.59
CA VAL B 83 -3.65 33.66 0.05
C VAL B 83 -2.52 33.06 0.89
N ASN B 84 -1.61 33.92 1.38
CA ASN B 84 -0.54 33.44 2.26
C ASN B 84 -1.11 32.93 3.59
N ALA B 85 -2.15 33.57 4.11
CA ALA B 85 -2.73 33.13 5.37
C ALA B 85 -3.45 31.78 5.22
N LEU B 86 -4.10 31.57 4.08
CA LEU B 86 -4.79 30.30 3.87
C LEU B 86 -3.80 29.16 3.75
N ALA B 87 -2.69 29.41 3.03
CA ALA B 87 -1.67 28.38 2.90
C ALA B 87 -1.08 28.04 4.25
N GLN B 88 -0.79 29.08 5.05
CA GLN B 88 -0.29 28.87 6.40
C GLN B 88 -1.29 28.10 7.28
N LEU B 89 -2.58 28.49 7.23
CA LEU B 89 -3.58 27.76 8.01
C LEU B 89 -3.60 26.28 7.66
N MET B 90 -3.40 25.96 6.38
CA MET B 90 -3.36 24.55 6.00
C MET B 90 -2.16 23.80 6.59
N THR B 91 -1.04 24.50 6.82
CA THR B 91 0.11 23.85 7.45
C THR B 91 -0.22 23.45 8.92
N TRP B 92 -0.89 24.33 9.67
CA TRP B 92 -1.28 23.97 11.04
C TRP B 92 -2.37 22.91 11.04
N LYS B 93 -3.32 22.99 10.10
CA LYS B 93 -4.49 22.11 10.12
C LYS B 93 -4.08 20.66 9.83
N THR B 94 -3.24 20.44 8.81
CA THR B 94 -2.69 19.11 8.58
C THR B 94 -1.95 18.59 9.80
N ALA B 95 -1.27 19.48 10.54
CA ALA B 95 -0.54 19.07 11.73
C ALA B 95 -1.48 18.71 12.88
N VAL B 96 -2.60 19.42 13.01
CA VAL B 96 -3.54 19.13 14.09
C VAL B 96 -4.07 17.70 14.01
N VAL B 97 -4.42 17.23 12.80
CA VAL B 97 -4.89 15.85 12.67
C VAL B 97 -3.78 14.89 12.32
N ASP B 98 -2.54 15.35 12.27
CA ASP B 98 -1.36 14.48 12.07
C ASP B 98 -1.44 13.68 10.76
N ILE B 99 -1.78 14.37 9.67
CA ILE B 99 -1.62 13.77 8.35
C ILE B 99 -0.31 14.30 7.80
N PRO B 100 0.41 13.52 6.98
CA PRO B 100 1.79 13.88 6.60
C PRO B 100 1.84 14.86 5.43
N TYR B 101 1.33 16.07 5.66
CA TYR B 101 1.38 17.14 4.67
C TYR B 101 1.73 18.47 5.33
N GLY B 102 2.25 19.39 4.51
CA GLY B 102 2.24 20.80 4.83
C GLY B 102 1.16 21.53 4.03
N GLY B 103 1.23 22.85 4.07
CA GLY B 103 0.16 23.70 3.56
C GLY B 103 0.56 24.43 2.28
N ALA B 104 -0.39 24.54 1.35
CA ALA B 104 -0.28 25.37 0.16
C ALA B 104 -1.65 25.93 -0.18
N LYS B 105 -1.67 26.93 -1.06
CA LYS B 105 -2.90 27.49 -1.60
C LYS B 105 -2.58 28.17 -2.93
N GLY B 106 -3.44 27.97 -3.91
CA GLY B 106 -3.20 28.51 -5.24
C GLY B 106 -4.50 28.87 -5.92
N GLY B 107 -4.41 29.29 -7.19
CA GLY B 107 -5.60 29.69 -7.91
C GLY B 107 -5.27 30.49 -9.17
N ILE B 108 -6.34 30.95 -9.81
CA ILE B 108 -6.25 31.87 -10.95
C ILE B 108 -7.20 33.02 -10.68
N GLY B 109 -6.72 34.25 -10.90
CA GLY B 109 -7.52 35.44 -10.79
C GLY B 109 -8.43 35.58 -12.00
N CYS B 110 -9.64 35.04 -11.90
CA CYS B 110 -10.58 35.02 -13.01
C CYS B 110 -11.96 34.82 -12.43
N ASN B 111 -12.95 35.11 -13.25
CA ASN B 111 -14.31 34.81 -12.85
C ASN B 111 -14.84 33.67 -13.70
N PRO B 112 -15.03 32.47 -13.12
CA PRO B 112 -15.44 31.33 -13.95
C PRO B 112 -16.83 31.45 -14.54
N LYS B 113 -17.61 32.46 -14.16
CA LYS B 113 -18.88 32.67 -14.83
C LYS B 113 -18.71 33.41 -16.16
N ASP B 114 -17.53 33.95 -16.45
CA ASP B 114 -17.25 34.53 -17.75
C ASP B 114 -16.80 33.48 -18.77
N LEU B 115 -16.50 32.26 -18.34
CA LEU B 115 -15.83 31.28 -19.16
C LEU B 115 -16.76 30.13 -19.48
N SER B 116 -16.90 29.82 -20.77
CA SER B 116 -17.53 28.58 -21.21
C SER B 116 -16.76 27.37 -20.64
N ILE B 117 -17.37 26.19 -20.73
CA ILE B 117 -16.76 25.02 -20.13
C ILE B 117 -15.51 24.61 -20.90
N SER B 118 -15.49 24.82 -22.22
CA SER B 118 -14.27 24.52 -22.96
C SER B 118 -13.17 25.51 -22.61
N GLU B 119 -13.51 26.76 -22.32
CA GLU B 119 -12.51 27.74 -21.92
C GLU B 119 -11.97 27.43 -20.52
N LEU B 120 -12.85 27.00 -19.60
CA LEU B 120 -12.35 26.57 -18.29
C LEU B 120 -11.36 25.43 -18.44
N GLU B 121 -11.62 24.49 -19.35
CA GLU B 121 -10.69 23.37 -19.52
C GLU B 121 -9.35 23.85 -20.07
N ARG B 122 -9.37 24.65 -21.13
CA ARG B 122 -8.11 25.16 -21.68
C ARG B 122 -7.32 25.90 -20.62
N LEU B 123 -8.01 26.73 -19.83
CA LEU B 123 -7.35 27.50 -18.78
C LEU B 123 -6.73 26.58 -17.72
N THR B 124 -7.48 25.55 -17.31
CA THR B 124 -6.95 24.60 -16.34
C THR B 124 -5.72 23.87 -16.89
N ARG B 125 -5.76 23.49 -18.17
CA ARG B 125 -4.63 22.79 -18.77
C ARG B 125 -3.41 23.69 -18.91
N VAL B 126 -3.60 24.95 -19.34
CA VAL B 126 -2.47 25.86 -19.45
C VAL B 126 -1.87 26.12 -18.07
N PHE B 127 -2.73 26.36 -17.08
CA PHE B 127 -2.27 26.52 -15.71
C PHE B 127 -1.42 25.34 -15.26
N THR B 128 -1.84 24.11 -15.61
CA THR B 128 -1.09 22.92 -15.23
C THR B 128 0.26 22.86 -15.97
N GLN B 129 0.26 23.21 -17.26
CA GLN B 129 1.50 23.33 -18.02
C GLN B 129 2.47 24.29 -17.32
N LYS B 130 1.96 25.37 -16.72
CA LYS B 130 2.86 26.36 -16.13
C LYS B 130 3.37 25.98 -14.73
N ILE B 131 2.75 25.01 -14.05
CA ILE B 131 3.18 24.69 -12.69
C ILE B 131 3.47 23.20 -12.48
N HIS B 132 3.45 22.39 -13.56
CA HIS B 132 3.64 20.94 -13.39
C HIS B 132 4.97 20.61 -12.73
N ASP B 133 6.02 21.39 -12.97
CA ASP B 133 7.31 21.14 -12.33
C ASP B 133 7.32 21.51 -10.84
N LEU B 134 6.32 22.25 -10.35
CA LEU B 134 6.27 22.66 -8.95
C LEU B 134 5.34 21.81 -8.09
N ILE B 135 4.48 20.98 -8.68
CA ILE B 135 3.59 20.14 -7.89
C ILE B 135 4.03 18.68 -8.11
N GLY B 136 3.31 17.72 -7.52
CA GLY B 136 3.65 16.32 -7.68
C GLY B 136 3.20 15.50 -6.50
N ILE B 137 3.19 14.18 -6.70
CA ILE B 137 2.70 13.24 -5.69
C ILE B 137 3.33 13.50 -4.33
N HIS B 138 4.65 13.64 -4.31
CA HIS B 138 5.39 13.82 -3.06
C HIS B 138 5.90 15.24 -2.89
N ARG B 139 5.32 16.20 -3.62
CA ARG B 139 5.80 17.58 -3.59
C ARG B 139 4.71 18.57 -3.22
N ASP B 140 3.55 18.52 -3.88
CA ASP B 140 2.46 19.45 -3.61
C ASP B 140 1.21 18.93 -4.31
N VAL B 141 0.13 18.71 -3.56
CA VAL B 141 -1.04 17.98 -4.03
C VAL B 141 -2.26 18.89 -4.01
N PRO B 142 -2.62 19.49 -5.15
CA PRO B 142 -3.78 20.39 -5.20
C PRO B 142 -5.12 19.67 -4.94
N ALA B 143 -6.17 20.48 -4.82
CA ALA B 143 -7.51 20.02 -4.48
C ALA B 143 -8.51 21.09 -4.89
N PRO B 144 -9.80 20.77 -4.96
CA PRO B 144 -10.80 21.81 -5.28
C PRO B 144 -10.91 22.85 -4.19
N ASP B 145 -11.51 23.98 -4.57
CA ASP B 145 -11.77 25.10 -3.68
C ASP B 145 -12.84 25.94 -4.37
N MET B 146 -12.96 27.21 -3.98
CA MET B 146 -13.96 28.08 -4.59
C MET B 146 -13.69 28.21 -6.08
N GLY B 147 -14.71 27.89 -6.89
CA GLY B 147 -14.63 28.02 -8.33
C GLY B 147 -14.09 26.81 -9.09
N THR B 148 -13.69 25.76 -8.40
CA THR B 148 -13.18 24.55 -9.04
C THR B 148 -13.88 23.35 -8.43
N ASN B 149 -13.80 22.21 -9.11
CA ASN B 149 -14.51 21.02 -8.62
C ASN B 149 -13.81 19.77 -9.15
N SER B 150 -14.49 18.63 -9.04
CA SER B 150 -13.85 17.37 -9.41
C SER B 150 -13.54 17.32 -10.91
N GLN B 151 -14.35 17.95 -11.75
CA GLN B 151 -13.99 18.04 -13.16
C GLN B 151 -12.67 18.79 -13.36
N THR B 152 -12.48 19.91 -12.65
CA THR B 152 -11.22 20.64 -12.74
C THR B 152 -10.05 19.73 -12.39
N MET B 153 -10.20 18.95 -11.32
CA MET B 153 -9.12 18.06 -10.88
C MET B 153 -8.81 17.01 -11.94
N ALA B 154 -9.83 16.49 -12.63
CA ALA B 154 -9.59 15.55 -13.72
C ALA B 154 -8.73 16.18 -14.81
N TRP B 155 -9.02 17.42 -15.19
CA TRP B 155 -8.21 18.09 -16.19
C TRP B 155 -6.78 18.28 -15.70
N ILE B 156 -6.60 18.69 -14.45
CA ILE B 156 -5.23 18.81 -13.93
C ILE B 156 -4.52 17.47 -14.04
N LEU B 157 -5.20 16.40 -13.61
CA LEU B 157 -4.62 15.06 -13.67
C LEU B 157 -4.25 14.70 -15.10
N ASP B 158 -5.19 14.92 -16.05
CA ASP B 158 -4.94 14.51 -17.42
C ASP B 158 -3.74 15.24 -18.01
N GLU B 159 -3.63 16.54 -17.77
CA GLU B 159 -2.53 17.29 -18.37
C GLU B 159 -1.22 17.01 -17.63
N TYR B 160 -1.26 16.93 -16.29
CA TYR B 160 -0.06 16.64 -15.51
C TYR B 160 0.58 15.33 -15.96
N SER B 161 -0.24 14.32 -16.21
CA SER B 161 0.29 13.01 -16.53
C SER B 161 1.01 12.98 -17.88
N LYS B 162 0.75 13.96 -18.76
CA LYS B 162 1.50 14.01 -20.00
C LYS B 162 2.98 14.29 -19.75
N PHE B 163 3.28 15.01 -18.66
CA PHE B 163 4.65 15.43 -18.33
C PHE B 163 5.36 14.46 -17.39
N HIS B 164 4.63 13.75 -16.54
CA HIS B 164 5.27 12.92 -15.54
C HIS B 164 4.69 11.51 -15.50
N GLY B 165 3.90 11.12 -16.49
CA GLY B 165 3.25 9.83 -16.48
C GLY B 165 2.00 9.83 -15.62
N HIS B 166 1.19 8.78 -15.79
CA HIS B 166 -0.07 8.66 -15.07
C HIS B 166 0.14 8.79 -13.56
N SER B 167 -0.48 9.81 -12.96
CA SER B 167 -0.19 10.20 -11.58
C SER B 167 -1.48 10.48 -10.82
N PRO B 168 -2.29 9.45 -10.56
CA PRO B 168 -3.57 9.69 -9.87
C PRO B 168 -3.42 10.47 -8.56
N ALA B 169 -2.35 10.27 -7.79
CA ALA B 169 -2.25 10.95 -6.50
C ALA B 169 -1.82 12.42 -6.60
N VAL B 170 -1.62 12.99 -7.79
CA VAL B 170 -1.13 14.37 -7.82
C VAL B 170 -2.22 15.37 -7.41
N VAL B 171 -3.51 15.00 -7.48
CA VAL B 171 -4.61 15.82 -6.97
C VAL B 171 -5.58 14.93 -6.22
N THR B 172 -6.30 15.53 -5.25
CA THR B 172 -7.38 14.85 -4.56
C THR B 172 -8.71 15.52 -4.94
N GLY B 173 -9.81 14.98 -4.44
CA GLY B 173 -11.10 15.45 -4.93
C GLY B 173 -11.41 14.99 -6.34
N LYS B 174 -10.76 13.93 -6.79
CA LYS B 174 -10.98 13.42 -8.13
C LYS B 174 -12.36 12.76 -8.23
N PRO B 175 -12.95 12.72 -9.43
CA PRO B 175 -14.17 11.92 -9.60
C PRO B 175 -13.90 10.46 -9.24
N ILE B 176 -14.95 9.77 -8.77
CA ILE B 176 -14.79 8.36 -8.41
C ILE B 176 -14.22 7.56 -9.57
N ASP B 177 -14.61 7.91 -10.81
CA ASP B 177 -14.17 7.15 -11.98
C ASP B 177 -12.69 7.29 -12.28
N LEU B 178 -12.01 8.28 -11.70
CA LEU B 178 -10.60 8.52 -11.97
C LEU B 178 -9.77 8.46 -10.69
N GLY B 179 -10.17 7.63 -9.74
CA GLY B 179 -9.39 7.43 -8.54
C GLY B 179 -9.82 8.22 -7.34
N GLY B 180 -10.99 8.87 -7.39
CA GLY B 180 -11.53 9.52 -6.22
C GLY B 180 -11.95 8.51 -5.16
N SER B 181 -12.03 8.98 -3.92
CA SER B 181 -12.31 8.10 -2.79
C SER B 181 -13.79 8.08 -2.46
N LEU B 182 -14.25 6.92 -1.99
CA LEU B 182 -15.56 6.82 -1.38
C LEU B 182 -15.59 7.62 -0.09
N GLY B 183 -16.79 8.06 0.28
CA GLY B 183 -17.00 8.82 1.49
C GLY B 183 -16.47 10.24 1.48
N ARG B 184 -16.11 10.79 0.32
CA ARG B 184 -15.56 12.14 0.30
C ARG B 184 -16.60 13.18 0.68
N GLU B 185 -17.79 13.06 0.11
CA GLU B 185 -18.83 14.07 0.28
C GLU B 185 -19.28 14.18 1.73
N ALA B 186 -19.48 13.05 2.40
CA ALA B 186 -19.93 13.09 3.79
C ALA B 186 -18.82 13.45 4.76
N ALA B 187 -17.58 13.58 4.29
CA ALA B 187 -16.42 13.47 5.18
C ALA B 187 -16.40 14.59 6.22
N THR B 188 -16.65 15.83 5.79
CA THR B 188 -16.59 16.94 6.73
C THR B 188 -17.71 16.83 7.77
N GLY B 189 -18.96 16.72 7.31
CA GLY B 189 -20.07 16.59 8.24
C GLY B 189 -19.93 15.39 9.15
N LEU B 190 -19.61 14.23 8.58
CA LEU B 190 -19.42 13.05 9.41
C LEU B 190 -18.29 13.25 10.42
N GLY B 191 -17.22 13.93 10.00
CA GLY B 191 -16.10 14.16 10.91
C GLY B 191 -16.46 15.08 12.07
N VAL B 192 -17.29 16.11 11.80
CA VAL B 192 -17.80 16.95 12.88
C VAL B 192 -18.45 16.10 13.96
N VAL B 193 -19.20 15.07 13.54
CA VAL B 193 -19.91 14.25 14.51
C VAL B 193 -18.94 13.38 15.29
N PHE B 194 -17.95 12.77 14.60
CA PHE B 194 -16.92 12.02 15.31
C PHE B 194 -16.23 12.88 16.35
N ALA B 195 -15.92 14.12 15.98
CA ALA B 195 -15.21 14.99 16.90
C ALA B 195 -16.09 15.38 18.08
N THR B 196 -17.38 15.62 17.83
CA THR B 196 -18.32 15.93 18.89
C THR B 196 -18.49 14.76 19.85
N GLU B 197 -18.59 13.53 19.32
CA GLU B 197 -18.67 12.36 20.19
C GLU B 197 -17.50 12.29 21.15
N ALA B 198 -16.29 12.60 20.65
CA ALA B 198 -15.10 12.52 21.49
C ALA B 198 -15.12 13.59 22.56
N LEU B 199 -15.61 14.80 22.21
CA LEU B 199 -15.72 15.87 23.19
C LEU B 199 -16.72 15.53 24.28
N PHE B 200 -17.87 14.96 23.90
CA PHE B 200 -18.89 14.66 24.90
C PHE B 200 -18.51 13.48 25.76
N ALA B 201 -17.61 12.61 25.30
CA ALA B 201 -17.13 11.52 26.12
C ALA B 201 -16.33 12.03 27.31
N GLU B 202 -15.76 13.23 27.21
CA GLU B 202 -15.03 13.83 28.34
C GLU B 202 -15.97 14.20 29.48
N TYR B 203 -17.23 14.46 29.17
CA TYR B 203 -18.23 14.74 30.20
C TYR B 203 -19.02 13.51 30.58
N GLY B 204 -18.68 12.35 30.02
CA GLY B 204 -19.52 11.18 30.21
C GLY B 204 -20.92 11.35 29.64
N LYS B 205 -21.06 12.16 28.60
CA LYS B 205 -22.32 12.32 27.90
C LYS B 205 -22.20 11.81 26.48
N SER B 206 -23.33 11.78 25.78
CA SER B 206 -23.40 11.21 24.45
C SER B 206 -24.30 12.07 23.58
N ILE B 207 -24.22 11.86 22.27
CA ILE B 207 -24.98 12.68 21.33
C ILE B 207 -26.47 12.55 21.58
N SER B 208 -26.90 11.41 22.10
CA SER B 208 -28.31 11.19 22.41
C SER B 208 -28.78 11.98 23.62
N ASP B 209 -27.86 12.44 24.47
CA ASP B 209 -28.20 13.23 25.65
C ASP B 209 -28.50 14.69 25.32
N MET B 210 -28.36 15.12 24.06
CA MET B 210 -28.35 16.52 23.68
C MET B 210 -29.44 16.85 22.68
N THR B 211 -29.71 18.15 22.57
CA THR B 211 -30.49 18.76 21.51
C THR B 211 -29.58 19.69 20.72
N PHE B 212 -29.86 19.86 19.42
CA PHE B 212 -28.94 20.52 18.51
C PHE B 212 -29.65 21.56 17.65
N ALA B 213 -28.98 22.69 17.43
CA ALA B 213 -29.36 23.66 16.41
C ALA B 213 -28.24 23.74 15.38
N ILE B 214 -28.60 23.66 14.10
CA ILE B 214 -27.65 23.56 12.99
C ILE B 214 -27.92 24.72 12.03
N GLN B 215 -26.90 25.52 11.75
CA GLN B 215 -27.03 26.69 10.89
C GLN B 215 -26.38 26.39 9.55
N GLY B 216 -27.20 26.16 8.53
CA GLY B 216 -26.67 25.80 7.20
C GLY B 216 -27.19 24.43 6.82
N PHE B 217 -27.67 24.32 5.59
CA PHE B 217 -28.08 23.04 5.05
C PHE B 217 -27.39 22.75 3.72
N GLY B 218 -26.12 23.13 3.62
CA GLY B 218 -25.27 22.78 2.50
C GLY B 218 -24.57 21.45 2.72
N ASN B 219 -23.36 21.32 2.14
CA ASN B 219 -22.66 20.05 2.18
C ASN B 219 -22.36 19.61 3.62
N VAL B 220 -22.01 20.57 4.49
CA VAL B 220 -21.63 20.19 5.85
C VAL B 220 -22.86 20.02 6.73
N GLY B 221 -23.79 20.98 6.67
CA GLY B 221 -24.96 20.91 7.54
C GLY B 221 -25.79 19.66 7.33
N THR B 222 -26.03 19.28 6.07
CA THR B 222 -26.86 18.10 5.78
C THR B 222 -26.25 16.84 6.38
N TRP B 223 -24.97 16.58 6.07
CA TRP B 223 -24.36 15.32 6.49
C TRP B 223 -24.17 15.28 8.00
N ALA B 224 -23.80 16.41 8.60
CA ALA B 224 -23.70 16.45 10.06
C ALA B 224 -25.04 16.19 10.71
N ALA B 225 -26.12 16.78 10.18
CA ALA B 225 -27.45 16.57 10.77
C ALA B 225 -27.87 15.11 10.64
N LYS B 226 -27.56 14.49 9.50
CA LYS B 226 -27.89 13.08 9.30
C LYS B 226 -27.15 12.20 10.30
N ALA B 227 -25.85 12.47 10.52
CA ALA B 227 -25.08 11.63 11.45
C ALA B 227 -25.53 11.82 12.89
N ILE B 228 -25.89 13.06 13.28
CA ILE B 228 -26.44 13.30 14.60
C ILE B 228 -27.75 12.54 14.77
N PHE B 229 -28.62 12.64 13.75
CA PHE B 229 -29.96 12.05 13.87
C PHE B 229 -29.87 10.54 13.95
N GLU B 230 -28.95 9.93 13.21
CA GLU B 230 -28.79 8.49 13.28
C GLU B 230 -28.11 8.05 14.55
N ARG B 231 -27.65 8.98 15.38
CA ARG B 231 -27.07 8.66 16.68
C ARG B 231 -27.97 9.07 17.84
N GLY B 232 -29.27 9.18 17.59
CA GLY B 232 -30.21 9.55 18.63
C GLY B 232 -30.18 11.00 19.05
N GLY B 233 -29.37 11.84 18.41
CA GLY B 233 -29.42 13.26 18.71
C GLY B 233 -30.74 13.86 18.26
N LYS B 234 -31.24 14.80 19.05
CA LYS B 234 -32.47 15.53 18.74
C LYS B 234 -32.08 16.84 18.09
N VAL B 235 -32.36 16.97 16.80
CA VAL B 235 -32.07 18.21 16.07
C VAL B 235 -33.32 19.08 16.15
N VAL B 236 -33.26 20.16 16.94
CA VAL B 236 -34.45 20.98 17.18
C VAL B 236 -34.56 22.19 16.26
N ALA B 237 -33.54 22.51 15.47
CA ALA B 237 -33.63 23.67 14.57
C ALA B 237 -32.56 23.57 13.48
N VAL B 238 -32.99 23.79 12.22
CA VAL B 238 -32.08 23.83 11.08
C VAL B 238 -32.33 25.12 10.30
N SER B 239 -31.26 25.77 9.88
CA SER B 239 -31.30 27.07 9.22
C SER B 239 -30.71 26.94 7.83
N ASP B 240 -31.54 27.02 6.80
CA ASP B 240 -31.02 27.20 5.46
C ASP B 240 -30.68 28.67 5.25
N ILE B 241 -30.19 29.00 4.05
CA ILE B 241 -30.00 30.40 3.71
C ILE B 241 -31.36 31.06 3.48
N ASN B 242 -32.36 30.28 3.07
CA ASN B 242 -33.67 30.84 2.76
C ASN B 242 -34.61 30.81 3.96
N GLY B 243 -34.70 29.69 4.66
CA GLY B 243 -35.65 29.61 5.76
C GLY B 243 -35.09 28.95 7.01
N ALA B 244 -35.99 28.53 7.89
CA ALA B 244 -35.61 27.80 9.09
C ALA B 244 -36.81 27.00 9.55
N ILE B 245 -36.54 25.94 10.29
CA ILE B 245 -37.57 25.01 10.75
C ILE B 245 -37.28 24.64 12.19
N SER B 246 -38.34 24.34 12.94
CA SER B 246 -38.26 24.15 14.39
C SER B 246 -39.01 22.89 14.81
N ASN B 247 -38.60 22.34 15.96
CA ASN B 247 -39.34 21.29 16.64
C ASN B 247 -38.70 21.01 17.99
N PRO B 248 -39.43 21.21 19.09
CA PRO B 248 -38.83 20.99 20.42
C PRO B 248 -38.49 19.55 20.71
N ASN B 249 -39.06 18.59 19.96
CA ASN B 249 -38.83 17.17 20.22
C ASN B 249 -37.99 16.49 19.16
N GLY B 250 -37.48 17.23 18.17
CA GLY B 250 -36.67 16.65 17.12
C GLY B 250 -37.32 16.73 15.75
N ILE B 251 -36.50 17.00 14.74
CA ILE B 251 -36.93 17.02 13.35
C ILE B 251 -36.53 15.70 12.71
N ASP B 252 -37.46 15.05 12.03
CA ASP B 252 -37.12 13.86 11.28
C ASP B 252 -36.17 14.27 10.15
N ILE B 253 -34.86 14.26 10.45
CA ILE B 253 -33.86 14.67 9.47
C ILE B 253 -33.95 13.80 8.22
N ALA B 254 -34.32 12.52 8.37
CA ALA B 254 -34.48 11.67 7.21
C ALA B 254 -35.54 12.21 6.26
N ALA B 255 -36.74 12.47 6.79
CA ALA B 255 -37.79 13.06 5.95
C ALA B 255 -37.37 14.43 5.44
N LEU B 256 -36.75 15.25 6.31
CA LEU B 256 -36.28 16.57 5.89
C LEU B 256 -35.30 16.46 4.74
N LEU B 257 -34.43 15.45 4.76
CA LEU B 257 -33.53 15.24 3.64
C LEU B 257 -34.31 14.90 2.37
N LYS B 258 -35.37 14.09 2.50
CA LYS B 258 -36.20 13.80 1.33
C LYS B 258 -36.86 15.06 0.79
N HIS B 259 -37.41 15.88 1.68
CA HIS B 259 -38.04 17.12 1.27
C HIS B 259 -37.05 18.03 0.54
N LYS B 260 -35.85 18.20 1.11
CA LYS B 260 -34.85 19.06 0.48
C LYS B 260 -34.44 18.51 -0.87
N ALA B 261 -34.35 17.19 -0.99
CA ALA B 261 -33.94 16.57 -2.25
C ALA B 261 -34.95 16.81 -3.35
N GLY B 262 -36.24 16.68 -3.03
CA GLY B 262 -37.29 16.99 -3.99
C GLY B 262 -37.53 18.47 -4.13
N ASN B 263 -36.49 19.27 -3.86
CA ASN B 263 -36.51 20.72 -4.00
C ASN B 263 -37.59 21.36 -3.11
N GLY B 264 -37.44 21.14 -1.81
CA GLY B 264 -38.32 21.73 -0.82
C GLY B 264 -37.56 22.76 0.01
N SER B 265 -38.13 23.95 0.09
CA SER B 265 -37.54 24.99 0.91
C SER B 265 -37.75 24.66 2.39
N LEU B 266 -36.71 24.93 3.20
CA LEU B 266 -36.72 24.45 4.57
C LEU B 266 -37.93 24.94 5.35
N LYS B 267 -38.40 26.15 5.07
CA LYS B 267 -39.54 26.67 5.80
C LYS B 267 -40.86 25.97 5.48
N ASP B 268 -40.86 25.04 4.51
CA ASP B 268 -42.09 24.36 4.11
C ASP B 268 -42.19 22.95 4.68
N PHE B 269 -41.11 22.37 5.16
CA PHE B 269 -41.15 21.01 5.69
C PHE B 269 -42.27 20.87 6.70
N SER B 270 -43.19 19.94 6.42
CA SER B 270 -44.39 19.80 7.25
C SER B 270 -44.07 19.31 8.66
N GLY B 271 -42.98 18.56 8.83
CA GLY B 271 -42.62 17.95 10.09
C GLY B 271 -41.95 18.89 11.07
N GLY B 272 -42.35 20.15 11.01
CA GLY B 272 -41.92 21.13 11.98
C GLY B 272 -42.78 22.35 11.80
N ASP B 273 -42.26 23.51 12.20
CA ASP B 273 -42.87 24.76 11.80
C ASP B 273 -41.78 25.82 11.66
N ALA B 274 -42.14 26.91 10.98
CA ALA B 274 -41.19 27.88 10.48
C ALA B 274 -40.47 28.58 11.64
N MET B 275 -39.45 29.34 11.27
CA MET B 275 -38.62 30.08 12.22
C MET B 275 -37.90 31.18 11.45
N ASN B 276 -37.64 32.28 12.13
CA ASN B 276 -36.74 33.30 11.59
C ASN B 276 -35.33 32.73 11.53
N PRO B 277 -34.68 32.64 10.36
CA PRO B 277 -33.30 32.12 10.32
C PRO B 277 -32.31 33.01 11.02
N ASN B 278 -32.62 34.31 11.15
CA ASN B 278 -31.80 35.27 11.87
C ASN B 278 -31.85 35.09 13.39
N ASP B 279 -32.55 34.06 13.88
CA ASP B 279 -32.63 33.80 15.31
C ASP B 279 -32.10 32.42 15.70
N LEU B 280 -31.59 31.63 14.75
CA LEU B 280 -31.21 30.26 15.07
C LEU B 280 -30.09 30.21 16.10
N LEU B 281 -29.15 31.16 16.04
CA LEU B 281 -28.01 31.13 16.95
C LEU B 281 -28.40 31.30 18.42
N VAL B 282 -29.58 31.82 18.72
CA VAL B 282 -30.03 31.93 20.11
C VAL B 282 -31.19 30.99 20.41
N HIS B 283 -31.32 29.90 19.66
CA HIS B 283 -32.29 28.88 20.02
C HIS B 283 -31.85 28.21 21.32
N ASP B 284 -32.83 27.84 22.14
CA ASP B 284 -32.55 27.22 23.44
C ASP B 284 -32.24 25.75 23.23
N CYS B 285 -30.96 25.44 23.05
CA CYS B 285 -30.50 24.09 22.78
C CYS B 285 -29.23 23.81 23.57
N ASP B 286 -28.86 22.53 23.64
CA ASP B 286 -27.62 22.17 24.33
C ASP B 286 -26.38 22.40 23.46
N VAL B 287 -26.49 22.18 22.14
CA VAL B 287 -25.34 22.28 21.25
C VAL B 287 -25.70 23.14 20.04
N LEU B 288 -24.77 24.02 19.67
CA LEU B 288 -24.92 24.86 18.48
C LEU B 288 -23.84 24.48 17.47
N ILE B 289 -24.22 24.33 16.21
CA ILE B 289 -23.28 23.97 15.14
C ILE B 289 -23.43 24.90 13.94
N PRO B 290 -22.64 25.97 13.84
CA PRO B 290 -22.66 26.79 12.63
C PRO B 290 -21.97 26.05 11.49
N CYS B 291 -22.65 26.00 10.33
CA CYS B 291 -22.16 25.22 9.21
C CYS B 291 -21.98 26.02 7.92
N ALA B 292 -22.88 26.93 7.61
CA ALA B 292 -22.79 27.64 6.33
C ALA B 292 -21.83 28.82 6.43
N LEU B 293 -22.12 29.76 7.31
CA LEU B 293 -21.47 31.05 7.30
C LEU B 293 -20.54 31.22 8.50
N GLY B 294 -19.47 31.98 8.27
CA GLY B 294 -18.55 32.36 9.32
C GLY B 294 -18.78 33.82 9.71
N GLY B 295 -18.07 34.24 10.75
CA GLY B 295 -18.24 35.59 11.26
C GLY B 295 -19.60 35.88 11.86
N VAL B 296 -20.34 34.84 12.24
CA VAL B 296 -21.73 35.01 12.68
C VAL B 296 -21.87 35.30 14.16
N LEU B 297 -20.80 35.13 14.95
CA LEU B 297 -20.84 35.35 16.39
C LEU B 297 -19.87 36.48 16.75
N ASN B 298 -20.42 37.63 17.13
CA ASN B 298 -19.65 38.86 17.36
C ASN B 298 -19.87 39.43 18.76
N LYS B 299 -19.68 40.74 18.91
CA LYS B 299 -19.87 41.35 20.22
C LYS B 299 -21.34 41.42 20.62
N GLU B 300 -22.27 41.45 19.66
CA GLU B 300 -23.68 41.60 20.01
C GLU B 300 -24.30 40.27 20.43
N ASN B 301 -24.30 39.28 19.54
CA ASN B 301 -25.02 38.04 19.82
C ASN B 301 -24.38 37.22 20.94
N ALA B 302 -23.12 37.51 21.30
CA ALA B 302 -22.35 36.64 22.18
C ALA B 302 -23.08 36.35 23.50
N ASN B 303 -23.43 37.39 24.27
CA ASN B 303 -24.09 37.18 25.57
C ASN B 303 -25.47 36.57 25.45
N ASP B 304 -26.06 36.55 24.26
CA ASP B 304 -27.41 36.05 24.06
C ASP B 304 -27.45 34.57 23.66
N VAL B 305 -26.28 33.96 23.40
CA VAL B 305 -26.25 32.56 22.99
C VAL B 305 -26.74 31.69 24.14
N LYS B 306 -27.53 30.68 23.80
CA LYS B 306 -28.11 29.78 24.78
C LYS B 306 -27.25 28.53 25.04
N ALA B 307 -26.68 27.94 23.98
CA ALA B 307 -26.08 26.62 24.08
C ALA B 307 -24.91 26.59 25.06
N LYS B 308 -24.60 25.38 25.55
CA LYS B 308 -23.40 25.19 26.36
C LYS B 308 -22.19 24.77 25.53
N PHE B 309 -22.41 24.22 24.33
CA PHE B 309 -21.34 23.80 23.43
C PHE B 309 -21.53 24.46 22.06
N ILE B 310 -20.43 24.86 21.45
CA ILE B 310 -20.44 25.33 20.06
C ILE B 310 -19.45 24.50 19.28
N ILE B 311 -19.93 23.78 18.27
CA ILE B 311 -19.08 22.99 17.38
C ILE B 311 -18.88 23.82 16.12
N GLU B 312 -17.64 24.23 15.85
CA GLU B 312 -17.34 25.10 14.71
C GLU B 312 -17.12 24.26 13.45
N ALA B 313 -18.22 23.90 12.79
CA ALA B 313 -18.14 23.21 11.51
C ALA B 313 -17.78 24.18 10.39
N ALA B 314 -18.32 25.40 10.42
CA ALA B 314 -17.91 26.40 9.45
C ALA B 314 -16.53 26.93 9.80
N ASN B 315 -15.95 27.71 8.89
CA ASN B 315 -14.65 28.32 9.16
C ASN B 315 -14.83 29.71 9.76
N HIS B 316 -14.15 29.93 10.89
CA HIS B 316 -14.07 31.21 11.58
C HIS B 316 -15.43 31.79 11.94
N PRO B 317 -16.38 31.02 12.49
CA PRO B 317 -17.67 31.62 12.84
C PRO B 317 -17.62 32.50 14.08
N THR B 318 -16.56 32.45 14.90
CA THR B 318 -16.55 33.11 16.20
C THR B 318 -15.51 34.22 16.23
N ASP B 319 -15.99 35.45 16.36
CA ASP B 319 -15.15 36.63 16.55
C ASP B 319 -14.25 36.46 17.77
N PRO B 320 -13.10 37.14 17.80
CA PRO B 320 -12.32 37.16 19.06
C PRO B 320 -13.12 37.68 20.25
N ASP B 321 -13.86 38.78 20.06
CA ASP B 321 -14.67 39.32 21.14
C ASP B 321 -15.65 38.28 21.67
N ALA B 322 -16.32 37.56 20.76
CA ALA B 322 -17.28 36.54 21.19
C ALA B 322 -16.60 35.35 21.83
N ASP B 323 -15.37 35.03 21.41
CA ASP B 323 -14.62 33.94 22.03
C ASP B 323 -14.45 34.19 23.53
N GLU B 324 -14.07 35.42 23.91
CA GLU B 324 -13.88 35.75 25.32
C GLU B 324 -15.20 35.78 26.08
N ILE B 325 -16.22 36.39 25.48
CA ILE B 325 -17.51 36.53 26.16
C ILE B 325 -18.15 35.17 26.38
N LEU B 326 -18.10 34.30 25.36
CA LEU B 326 -18.67 32.97 25.49
C LEU B 326 -17.91 32.13 26.51
N SER B 327 -16.58 32.25 26.53
CA SER B 327 -15.76 31.52 27.48
C SER B 327 -16.11 31.90 28.92
N LYS B 328 -16.17 33.21 29.23
CA LYS B 328 -16.57 33.63 30.56
C LYS B 328 -18.00 33.21 30.91
N LYS B 329 -18.80 32.77 29.94
CA LYS B 329 -20.11 32.18 30.22
C LYS B 329 -20.07 30.65 30.37
N GLY B 330 -18.88 30.05 30.26
CA GLY B 330 -18.76 28.61 30.43
C GLY B 330 -19.08 27.81 29.20
N VAL B 331 -19.11 28.46 28.04
CA VAL B 331 -19.37 27.79 26.78
C VAL B 331 -18.09 27.14 26.29
N ILE B 332 -18.16 25.85 25.99
CA ILE B 332 -17.04 25.12 25.41
C ILE B 332 -17.16 25.18 23.89
N ILE B 333 -16.10 25.63 23.23
CA ILE B 333 -16.10 25.80 21.79
C ILE B 333 -15.09 24.85 21.17
N LEU B 334 -15.57 23.91 20.36
CA LEU B 334 -14.69 23.01 19.64
C LEU B 334 -14.24 23.70 18.36
N PRO B 335 -12.94 23.96 18.18
CA PRO B 335 -12.49 24.93 17.19
C PRO B 335 -12.53 24.41 15.75
N ASP B 336 -12.84 25.33 14.83
CA ASP B 336 -12.96 25.01 13.41
C ASP B 336 -11.75 24.27 12.88
N VAL B 337 -10.54 24.72 13.27
CA VAL B 337 -9.32 24.17 12.67
C VAL B 337 -9.25 22.66 12.87
N TYR B 338 -9.88 22.15 13.93
CA TYR B 338 -10.01 20.71 14.14
C TYR B 338 -11.36 20.18 13.71
N ALA B 339 -12.45 20.85 14.09
CA ALA B 339 -13.79 20.25 14.02
C ALA B 339 -14.16 19.87 12.59
N ASN B 340 -13.78 20.69 11.60
CA ASN B 340 -14.17 20.43 10.22
C ASN B 340 -13.06 19.77 9.39
N ALA B 341 -12.04 19.22 10.05
CA ALA B 341 -10.87 18.66 9.38
C ALA B 341 -11.14 17.31 8.71
N GLY B 342 -12.37 16.81 8.78
CA GLY B 342 -12.67 15.53 8.15
C GLY B 342 -12.40 15.55 6.66
N GLY B 343 -12.74 16.66 5.98
CA GLY B 343 -12.47 16.82 4.56
C GLY B 343 -11.01 16.60 4.19
N VAL B 344 -10.07 17.33 4.80
CA VAL B 344 -8.67 17.14 4.44
C VAL B 344 -8.19 15.76 4.85
N THR B 345 -8.75 15.19 5.93
CA THR B 345 -8.34 13.87 6.36
C THR B 345 -8.72 12.82 5.33
N VAL B 346 -9.93 12.88 4.79
CA VAL B 346 -10.31 11.90 3.77
C VAL B 346 -9.57 12.19 2.46
N SER B 347 -9.20 13.45 2.22
CA SER B 347 -8.39 13.72 1.04
C SER B 347 -7.03 13.05 1.16
N TYR B 348 -6.47 13.01 2.37
CA TYR B 348 -5.27 12.21 2.60
C TYR B 348 -5.52 10.73 2.27
N PHE B 349 -6.63 10.16 2.78
CA PHE B 349 -6.91 8.76 2.46
C PHE B 349 -7.06 8.51 0.95
N GLU B 350 -7.59 9.48 0.21
CA GLU B 350 -7.67 9.34 -1.24
C GLU B 350 -6.28 9.18 -1.83
N TRP B 351 -5.38 10.09 -1.44
CA TRP B 351 -3.98 10.04 -1.85
C TRP B 351 -3.35 8.71 -1.47
N VAL B 352 -3.62 8.22 -0.26
CA VAL B 352 -3.07 6.95 0.17
C VAL B 352 -3.56 5.83 -0.76
N GLN B 353 -4.87 5.77 -1.02
CA GLN B 353 -5.43 4.76 -1.92
C GLN B 353 -4.81 4.80 -3.30
N ASN B 354 -4.59 6.00 -3.85
CA ASN B 354 -3.93 6.11 -5.15
C ASN B 354 -2.48 5.61 -5.05
N ILE B 355 -1.76 6.00 -4.00
CA ILE B 355 -0.38 5.58 -3.79
C ILE B 355 -0.29 4.06 -3.72
N GLN B 356 -1.24 3.44 -3.02
CA GLN B 356 -1.25 1.99 -2.88
C GLN B 356 -1.88 1.28 -4.08
N GLY B 357 -2.37 2.04 -5.06
CA GLY B 357 -2.91 1.42 -6.28
C GLY B 357 -4.11 0.55 -6.04
N PHE B 358 -4.86 0.77 -4.96
CA PHE B 358 -5.91 -0.17 -4.56
C PHE B 358 -6.91 0.57 -3.67
N MET B 359 -8.16 0.65 -4.12
CA MET B 359 -9.13 1.48 -3.41
C MET B 359 -9.68 0.76 -2.18
N TRP B 360 -10.09 1.54 -1.19
CA TRP B 360 -10.73 1.06 0.03
C TRP B 360 -12.25 1.09 -0.13
N ASP B 361 -12.95 0.24 0.64
CA ASP B 361 -14.39 0.40 0.69
C ASP B 361 -14.75 1.53 1.65
N GLU B 362 -16.03 1.95 1.62
CA GLU B 362 -16.44 3.11 2.40
C GLU B 362 -16.37 2.82 3.90
N GLU B 363 -16.63 1.58 4.31
CA GLU B 363 -16.47 1.19 5.71
C GLU B 363 -15.05 1.47 6.19
N LYS B 364 -14.04 1.09 5.41
CA LYS B 364 -12.66 1.32 5.85
C LYS B 364 -12.35 2.81 5.88
N VAL B 365 -12.82 3.56 4.89
CA VAL B 365 -12.59 5.00 4.88
C VAL B 365 -13.09 5.61 6.19
N ASN B 366 -14.31 5.25 6.60
CA ASN B 366 -14.91 5.85 7.79
C ASN B 366 -14.28 5.35 9.09
N GLN B 367 -13.87 4.08 9.15
CA GLN B 367 -13.08 3.61 10.29
C GLN B 367 -11.82 4.45 10.45
N GLU B 368 -11.10 4.69 9.36
CA GLU B 368 -9.89 5.46 9.48
C GLU B 368 -10.20 6.92 9.84
N LEU B 369 -11.28 7.47 9.27
CA LEU B 369 -11.67 8.84 9.64
C LEU B 369 -11.92 8.94 11.14
N LYS B 370 -12.68 7.99 11.68
CA LYS B 370 -12.96 8.02 13.10
C LYS B 370 -11.66 7.93 13.91
N ARG B 371 -10.75 7.03 13.50
CA ARG B 371 -9.51 6.87 14.26
C ARG B 371 -8.71 8.17 14.26
N TYR B 372 -8.63 8.85 13.11
CA TYR B 372 -7.83 10.07 13.05
C TYR B 372 -8.47 11.20 13.84
N MET B 373 -9.80 11.39 13.71
CA MET B 373 -10.45 12.47 14.44
C MET B 373 -10.40 12.22 15.96
N THR B 374 -10.55 10.97 16.39
CA THR B 374 -10.54 10.66 17.82
C THR B 374 -9.16 10.89 18.42
N LYS B 375 -8.11 10.35 17.78
CA LYS B 375 -6.74 10.57 18.23
C LYS B 375 -6.42 12.07 18.28
N ALA B 376 -6.90 12.84 17.28
CA ALA B 376 -6.62 14.27 17.28
C ALA B 376 -7.24 14.97 18.49
N PHE B 377 -8.48 14.61 18.84
CA PHE B 377 -9.09 15.26 20.01
C PHE B 377 -8.35 14.88 21.29
N ASN B 378 -7.94 13.63 21.41
CA ASN B 378 -7.18 13.25 22.59
C ASN B 378 -5.87 14.04 22.68
N ASP B 379 -5.21 14.26 21.54
CA ASP B 379 -3.96 15.03 21.58
C ASP B 379 -4.22 16.49 21.93
N ILE B 380 -5.29 17.07 21.40
CA ILE B 380 -5.66 18.45 21.75
C ILE B 380 -5.95 18.57 23.25
N LYS B 381 -6.77 17.66 23.78
CA LYS B 381 -7.14 17.72 25.18
C LYS B 381 -5.90 17.64 26.06
N ALA B 382 -4.95 16.78 25.69
CA ALA B 382 -3.72 16.66 26.44
C ALA B 382 -2.94 17.97 26.47
N ASN B 383 -2.89 18.68 25.33
CA ASN B 383 -2.23 19.99 25.29
C ASN B 383 -2.91 20.99 26.21
N CYS B 384 -4.24 21.06 26.13
CA CYS B 384 -4.98 21.92 27.06
C CYS B 384 -4.55 21.65 28.49
N LYS B 385 -4.36 20.38 28.83
CA LYS B 385 -3.91 20.06 30.18
C LYS B 385 -2.47 20.54 30.40
N THR B 386 -1.61 20.35 29.41
CA THR B 386 -0.23 20.79 29.56
C THR B 386 -0.13 22.31 29.68
N HIS B 387 -0.79 23.04 28.77
CA HIS B 387 -0.59 24.48 28.71
C HIS B 387 -1.67 25.28 29.40
N ASN B 388 -2.70 24.63 29.94
CA ASN B 388 -3.73 25.34 30.69
C ASN B 388 -4.50 26.34 29.83
N CYS B 389 -4.95 25.89 28.66
CA CYS B 389 -5.63 26.73 27.69
C CYS B 389 -6.93 26.08 27.24
N ASP B 390 -7.75 26.85 26.52
CA ASP B 390 -8.98 26.34 25.91
C ASP B 390 -8.65 25.42 24.74
N LEU B 391 -9.70 24.87 24.12
CA LEU B 391 -9.52 23.91 23.04
C LEU B 391 -8.91 24.54 21.79
N ARG B 392 -9.20 25.81 21.50
CA ARG B 392 -8.63 26.44 20.33
C ARG B 392 -7.12 26.53 20.43
N MET B 393 -6.62 27.01 21.56
CA MET B 393 -5.18 27.02 21.76
C MET B 393 -4.62 25.61 21.91
N GLY B 394 -5.43 24.68 22.42
CA GLY B 394 -5.02 23.28 22.42
C GLY B 394 -4.67 22.81 21.03
N ALA B 395 -5.53 23.14 20.06
CA ALA B 395 -5.31 22.71 18.68
C ALA B 395 -4.12 23.44 18.05
N PHE B 396 -4.10 24.77 18.15
CA PHE B 396 -3.03 25.53 17.50
C PHE B 396 -1.67 25.21 18.09
N THR B 397 -1.59 25.01 19.42
CA THR B 397 -0.29 24.62 19.96
C THR B 397 0.11 23.22 19.50
N LEU B 398 -0.86 22.32 19.34
CA LEU B 398 -0.51 20.98 18.87
C LEU B 398 0.06 21.04 17.46
N GLY B 399 -0.62 21.74 16.57
CA GLY B 399 -0.16 21.77 15.19
C GLY B 399 1.12 22.56 15.03
N LEU B 400 1.20 23.73 15.68
CA LEU B 400 2.39 24.54 15.61
C LEU B 400 3.61 23.78 16.12
N ASN B 401 3.48 23.15 17.30
CA ASN B 401 4.57 22.37 17.87
C ASN B 401 5.02 21.24 16.95
N ARG B 402 4.07 20.55 16.30
CA ARG B 402 4.46 19.44 15.43
C ARG B 402 5.27 19.93 14.23
N VAL B 403 4.93 21.09 13.67
CA VAL B 403 5.69 21.62 12.54
C VAL B 403 7.07 22.08 13.00
N ALA B 404 7.14 22.74 14.16
CA ALA B 404 8.42 23.15 14.73
C ALA B 404 9.31 21.95 15.01
N ARG B 405 8.76 20.88 15.58
CA ARG B 405 9.56 19.70 15.85
C ARG B 405 10.13 19.09 14.58
N ALA B 406 9.30 18.96 13.53
CA ALA B 406 9.78 18.40 12.28
C ALA B 406 10.86 19.29 11.68
N THR B 407 10.67 20.60 11.77
CA THR B 407 11.64 21.55 11.25
C THR B 407 12.97 21.43 11.97
N LEU B 408 12.94 21.33 13.30
CA LEU B 408 14.18 21.26 14.06
C LEU B 408 14.88 19.91 13.90
N LEU B 409 14.12 18.82 13.73
CA LEU B 409 14.73 17.53 13.42
C LEU B 409 15.49 17.58 12.11
N ARG B 410 14.89 18.19 11.08
CA ARG B 410 15.53 18.27 9.77
C ARG B 410 16.78 19.11 9.80
N GLY B 411 16.83 20.16 10.62
CA GLY B 411 18.04 20.93 10.76
C GLY B 411 18.19 21.97 9.65
N TRP B 412 19.34 22.64 9.67
CA TRP B 412 19.52 23.91 8.98
C TRP B 412 20.79 24.02 8.16
N GLU B 413 21.69 23.04 8.18
CA GLU B 413 22.92 23.12 7.40
C GLU B 413 22.61 22.75 5.95
N ALA B 414 23.39 23.29 5.03
CA ALA B 414 23.05 23.16 3.60
C ALA B 414 23.21 21.73 3.05
N ASN C 5 35.67 -11.09 13.85
CA ASN C 5 34.61 -11.60 14.71
C ASN C 5 33.43 -12.08 13.89
N ALA C 6 32.69 -11.14 13.31
CA ALA C 6 31.63 -11.49 12.35
C ALA C 6 32.21 -12.07 11.06
N LEU C 7 33.42 -11.65 10.69
CA LEU C 7 34.03 -12.09 9.44
C LEU C 7 34.32 -13.59 9.47
N VAL C 8 34.89 -14.09 10.55
CA VAL C 8 35.27 -15.49 10.63
C VAL C 8 34.04 -16.39 10.57
N ALA C 9 32.99 -16.03 11.31
CA ALA C 9 31.78 -16.86 11.36
C ALA C 9 31.05 -16.87 10.03
N THR C 10 30.86 -15.71 9.42
CA THR C 10 30.12 -15.66 8.15
C THR C 10 30.81 -16.50 7.07
N ASN C 11 32.14 -16.39 6.96
CA ASN C 11 32.86 -17.14 5.94
C ASN C 11 32.68 -18.65 6.14
N ARG C 12 32.83 -19.12 7.39
CA ARG C 12 32.65 -20.54 7.66
C ARG C 12 31.24 -21.00 7.31
N ASN C 13 30.22 -20.31 7.84
CA ASN C 13 28.83 -20.66 7.56
C ASN C 13 28.55 -20.70 6.05
N PHE C 14 29.07 -19.74 5.30
CA PHE C 14 28.82 -19.72 3.85
C PHE C 14 29.34 -20.99 3.17
N GLN C 15 30.59 -21.38 3.47
CA GLN C 15 31.17 -22.53 2.78
C GLN C 15 30.42 -23.81 3.13
N ARG C 16 30.14 -24.02 4.42
CA ARG C 16 29.38 -25.21 4.81
C ARG C 16 28.06 -25.29 4.05
N ALA C 17 27.33 -24.17 4.01
CA ALA C 17 26.04 -24.11 3.33
C ALA C 17 26.19 -24.39 1.83
N SER C 18 27.13 -23.71 1.18
CA SER C 18 27.37 -23.96 -0.24
C SER C 18 27.66 -25.43 -0.52
N ARG C 19 28.45 -26.06 0.33
CA ARG C 19 28.73 -27.49 0.15
C ARG C 19 27.46 -28.33 0.25
N ILE C 20 26.56 -27.98 1.17
CA ILE C 20 25.30 -28.71 1.32
C ILE C 20 24.45 -28.57 0.06
N LEU C 21 24.25 -27.33 -0.41
CA LEU C 21 23.47 -27.10 -1.61
C LEU C 21 24.17 -27.59 -2.88
N GLY C 22 25.48 -27.79 -2.84
CA GLY C 22 26.21 -28.11 -4.06
C GLY C 22 26.23 -26.99 -5.08
N LEU C 23 26.41 -25.75 -4.64
CA LEU C 23 26.43 -24.61 -5.55
C LEU C 23 27.55 -24.75 -6.57
N ASP C 24 27.27 -24.36 -7.81
CA ASP C 24 28.31 -24.33 -8.82
C ASP C 24 29.35 -23.29 -8.44
N SER C 25 30.62 -23.64 -8.66
CA SER C 25 31.73 -22.77 -8.25
C SER C 25 31.73 -21.45 -9.00
N LYS C 26 31.29 -21.43 -10.25
CA LYS C 26 31.19 -20.16 -10.96
C LYS C 26 30.09 -19.28 -10.36
N LEU C 27 28.95 -19.87 -10.02
CA LEU C 27 27.91 -19.13 -9.31
C LEU C 27 28.43 -18.63 -7.97
N GLU C 28 29.10 -19.51 -7.22
CA GLU C 28 29.64 -19.11 -5.92
C GLU C 28 30.58 -17.92 -6.05
N LYS C 29 31.51 -17.95 -7.04
CA LYS C 29 32.40 -16.81 -7.24
C LYS C 29 31.61 -15.52 -7.46
N SER C 30 30.57 -15.57 -8.30
CA SER C 30 29.78 -14.37 -8.51
C SER C 30 29.14 -13.92 -7.21
N LEU C 31 28.50 -14.85 -6.49
CA LEU C 31 27.83 -14.50 -5.24
C LEU C 31 28.77 -13.83 -4.25
N LEU C 32 30.04 -14.19 -4.27
CA LEU C 32 31.00 -13.58 -3.36
C LEU C 32 31.51 -12.22 -3.83
N ILE C 33 31.39 -11.89 -5.11
CA ILE C 33 31.85 -10.57 -5.59
C ILE C 33 30.75 -9.55 -5.33
N PRO C 34 31.05 -8.45 -4.65
CA PRO C 34 30.03 -7.43 -4.44
C PRO C 34 29.63 -6.78 -5.77
N TYR C 35 28.32 -6.54 -5.89
CA TYR C 35 27.80 -5.72 -7.01
C TYR C 35 28.62 -4.45 -7.20
N ARG C 36 28.83 -3.68 -6.13
CA ARG C 36 29.56 -2.43 -6.31
C ARG C 36 30.24 -2.00 -5.02
N GLU C 37 31.43 -1.41 -5.14
CA GLU C 37 32.16 -0.82 -4.02
C GLU C 37 32.50 0.65 -4.34
N ILE C 38 32.25 1.54 -3.36
CA ILE C 38 32.30 2.99 -3.53
C ILE C 38 33.15 3.60 -2.42
N LYS C 39 34.05 4.53 -2.79
CA LYS C 39 34.72 5.40 -1.83
C LYS C 39 34.69 6.84 -2.33
N VAL C 40 34.32 7.77 -1.47
CA VAL C 40 34.12 9.15 -1.87
C VAL C 40 34.80 10.07 -0.87
N GLU C 41 35.31 11.20 -1.34
CA GLU C 41 35.86 12.19 -0.43
C GLU C 41 34.71 12.91 0.29
N CYS C 42 34.87 13.13 1.60
CA CYS C 42 33.94 13.92 2.40
C CYS C 42 34.72 15.00 3.14
N THR C 43 34.79 16.19 2.57
CA THR C 43 35.46 17.31 3.21
C THR C 43 34.41 18.32 3.65
N ILE C 44 34.54 18.80 4.88
CA ILE C 44 33.66 19.82 5.44
C ILE C 44 34.52 20.87 6.12
N PRO C 45 33.99 22.08 6.31
CA PRO C 45 34.63 23.02 7.25
C PRO C 45 34.16 22.78 8.67
N LYS C 46 35.11 22.78 9.60
CA LYS C 46 34.81 22.71 11.02
C LYS C 46 34.11 24.00 11.46
N ASP C 47 33.57 23.98 12.68
CA ASP C 47 32.89 25.16 13.22
C ASP C 47 33.79 26.39 13.21
N ASP C 48 35.12 26.20 13.28
CA ASP C 48 36.05 27.32 13.23
C ASP C 48 36.46 27.70 11.80
N GLY C 49 36.02 26.96 10.78
CA GLY C 49 36.27 27.30 9.40
C GLY C 49 37.32 26.45 8.72
N SER C 50 38.25 25.89 9.48
CA SER C 50 39.29 25.05 8.90
C SER C 50 38.68 23.72 8.45
N LEU C 51 39.40 23.04 7.55
CA LEU C 51 38.88 21.88 6.83
C LEU C 51 39.38 20.58 7.44
N VAL C 52 38.48 19.58 7.46
CA VAL C 52 38.85 18.19 7.72
C VAL C 52 38.35 17.35 6.56
N SER C 53 39.12 16.35 6.19
CA SER C 53 38.79 15.48 5.07
C SER C 53 38.71 14.03 5.52
N TYR C 54 37.62 13.37 5.17
CA TYR C 54 37.37 11.98 5.50
C TYR C 54 37.06 11.20 4.23
N VAL C 55 37.14 9.87 4.33
CA VAL C 55 36.74 8.99 3.24
C VAL C 55 35.46 8.28 3.66
N GLY C 56 34.40 8.47 2.88
CA GLY C 56 33.15 7.75 3.04
C GLY C 56 33.14 6.56 2.10
N PHE C 57 32.32 5.57 2.43
CA PHE C 57 32.35 4.33 1.66
C PHE C 57 31.03 3.61 1.78
N ARG C 58 30.75 2.78 0.78
CA ARG C 58 29.54 1.97 0.74
C ARG C 58 29.84 0.72 -0.08
N ILE C 59 29.76 -0.45 0.55
CA ILE C 59 29.87 -1.72 -0.13
C ILE C 59 28.45 -2.22 -0.40
N GLN C 60 28.11 -2.33 -1.68
CA GLN C 60 26.82 -2.87 -2.10
C GLN C 60 27.05 -4.30 -2.56
N HIS C 61 26.61 -5.26 -1.74
CA HIS C 61 27.03 -6.63 -2.01
C HIS C 61 26.15 -7.33 -3.04
N ASP C 62 24.83 -7.34 -2.86
CA ASP C 62 23.98 -8.13 -3.74
C ASP C 62 22.57 -7.54 -3.77
N ASN C 63 21.93 -7.57 -4.94
CA ASN C 63 20.58 -7.04 -5.03
C ASN C 63 19.66 -7.92 -5.86
N ALA C 64 19.93 -9.23 -5.93
CA ALA C 64 19.10 -10.09 -6.74
C ALA C 64 17.70 -10.27 -6.16
N ARG C 65 17.52 -10.05 -4.86
CA ARG C 65 16.22 -10.22 -4.24
C ARG C 65 15.50 -8.91 -3.97
N GLY C 66 16.14 -7.78 -4.28
CA GLY C 66 15.59 -6.49 -4.01
C GLY C 66 16.65 -5.47 -3.67
N PRO C 67 16.22 -4.28 -3.21
CA PRO C 67 17.18 -3.20 -2.94
C PRO C 67 18.14 -3.59 -1.82
N MET C 68 19.36 -3.03 -1.88
CA MET C 68 20.29 -3.33 -0.82
C MET C 68 19.90 -2.57 0.45
N LYS C 69 20.36 -3.08 1.58
CA LYS C 69 19.94 -2.60 2.90
C LYS C 69 21.11 -2.76 3.85
N GLY C 70 21.40 -1.76 4.67
CA GLY C 70 22.39 -1.94 5.72
C GLY C 70 22.86 -0.65 6.34
N GLY C 71 23.62 -0.79 7.44
CA GLY C 71 23.96 0.33 8.28
C GLY C 71 25.07 1.25 7.75
N ILE C 72 25.13 2.42 8.36
CA ILE C 72 26.18 3.41 8.14
C ILE C 72 26.94 3.58 9.46
N ARG C 73 28.23 3.25 9.46
CA ARG C 73 29.05 3.36 10.66
C ARG C 73 29.93 4.59 10.58
N TYR C 74 29.83 5.46 11.59
CA TYR C 74 30.83 6.52 11.79
C TYR C 74 31.80 5.97 12.82
N HIS C 75 32.96 5.54 12.35
CA HIS C 75 33.88 4.87 13.26
C HIS C 75 35.27 4.97 12.66
N PRO C 76 36.31 5.23 13.46
CA PRO C 76 37.65 5.34 12.88
C PRO C 76 38.17 4.05 12.28
N GLU C 77 37.73 2.90 12.78
CA GLU C 77 38.32 1.62 12.38
C GLU C 77 37.57 1.07 11.17
N VAL C 78 38.24 1.08 10.02
CA VAL C 78 37.65 0.68 8.75
C VAL C 78 38.41 -0.53 8.25
N ASP C 79 37.86 -1.72 8.46
CA ASP C 79 38.44 -2.93 7.89
C ASP C 79 37.60 -3.30 6.68
N PRO C 80 38.13 -3.18 5.46
CA PRO C 80 37.30 -3.50 4.28
C PRO C 80 36.90 -4.95 4.22
N ASP C 81 37.70 -5.85 4.81
CA ASP C 81 37.33 -7.26 4.85
C ASP C 81 36.09 -7.48 5.70
N GLU C 82 36.03 -6.88 6.90
CA GLU C 82 34.84 -7.08 7.71
C GLU C 82 33.66 -6.28 7.18
N VAL C 83 33.89 -5.12 6.55
CA VAL C 83 32.79 -4.41 5.92
C VAL C 83 32.17 -5.28 4.83
N ASN C 84 33.00 -5.90 4.00
CA ASN C 84 32.50 -6.83 2.99
C ASN C 84 31.74 -8.00 3.62
N ALA C 85 32.30 -8.56 4.71
CA ALA C 85 31.64 -9.66 5.41
C ALA C 85 30.28 -9.26 5.97
N LEU C 86 30.16 -8.05 6.52
CA LEU C 86 28.88 -7.63 7.11
C LEU C 86 27.83 -7.42 6.03
N ALA C 87 28.19 -6.72 4.96
CA ALA C 87 27.27 -6.56 3.83
C ALA C 87 26.76 -7.91 3.35
N GLN C 88 27.66 -8.88 3.24
CA GLN C 88 27.30 -10.19 2.75
C GLN C 88 26.40 -10.94 3.74
N LEU C 89 26.69 -10.80 5.05
CA LEU C 89 25.79 -11.38 6.05
C LEU C 89 24.38 -10.81 5.91
N MET C 90 24.26 -9.51 5.66
CA MET C 90 22.95 -8.92 5.48
C MET C 90 22.22 -9.56 4.29
N THR C 91 22.95 -9.87 3.21
CA THR C 91 22.34 -10.54 2.06
C THR C 91 21.75 -11.90 2.45
N TRP C 92 22.52 -12.72 3.19
CA TRP C 92 22.00 -14.02 3.60
C TRP C 92 20.88 -13.87 4.63
N LYS C 93 21.02 -12.92 5.56
CA LYS C 93 20.08 -12.78 6.66
C LYS C 93 18.70 -12.36 6.15
N THR C 94 18.67 -11.36 5.26
CA THR C 94 17.39 -10.93 4.69
C THR C 94 16.71 -12.07 3.95
N ALA C 95 17.48 -12.91 3.26
CA ALA C 95 16.90 -14.07 2.58
C ALA C 95 16.34 -15.09 3.58
N VAL C 96 16.98 -15.24 4.74
CA VAL C 96 16.52 -16.24 5.69
C VAL C 96 15.10 -15.96 6.14
N VAL C 97 14.75 -14.68 6.37
CA VAL C 97 13.40 -14.31 6.82
C VAL C 97 12.52 -13.82 5.66
N ASP C 98 12.92 -14.07 4.41
CA ASP C 98 12.12 -13.77 3.21
C ASP C 98 11.72 -12.29 3.16
N ILE C 99 12.70 -11.44 3.42
CA ILE C 99 12.56 -10.00 3.28
C ILE C 99 13.12 -9.60 1.92
N PRO C 100 12.45 -8.75 1.15
CA PRO C 100 12.91 -8.49 -0.24
C PRO C 100 14.01 -7.44 -0.34
N TYR C 101 15.19 -7.78 0.19
CA TYR C 101 16.37 -6.94 0.13
C TYR C 101 17.61 -7.79 -0.11
N GLY C 102 18.68 -7.12 -0.54
CA GLY C 102 20.03 -7.62 -0.43
C GLY C 102 20.82 -6.84 0.63
N GLY C 103 22.11 -7.16 0.72
CA GLY C 103 22.96 -6.61 1.76
C GLY C 103 23.85 -5.49 1.25
N ALA C 104 24.05 -4.49 2.11
CA ALA C 104 25.05 -3.44 1.92
C ALA C 104 25.54 -2.98 3.29
N LYS C 105 26.70 -2.33 3.31
CA LYS C 105 27.27 -1.77 4.54
C LYS C 105 28.16 -0.59 4.15
N GLY C 106 28.08 0.50 4.90
CA GLY C 106 28.83 1.69 4.56
C GLY C 106 29.31 2.43 5.79
N GLY C 107 29.88 3.61 5.60
CA GLY C 107 30.31 4.40 6.73
C GLY C 107 31.29 5.48 6.32
N ILE C 108 31.86 6.11 7.34
CA ILE C 108 32.87 7.16 7.18
C ILE C 108 33.93 6.90 8.23
N GLY C 109 35.18 6.83 7.80
CA GLY C 109 36.27 6.68 8.76
C GLY C 109 36.51 7.98 9.49
N CYS C 110 35.92 8.12 10.67
CA CYS C 110 36.07 9.32 11.49
C CYS C 110 35.73 8.94 12.91
N ASN C 111 36.12 9.80 13.84
CA ASN C 111 35.73 9.60 15.22
C ASN C 111 34.64 10.60 15.57
N PRO C 112 33.38 10.17 15.71
CA PRO C 112 32.31 11.13 16.00
C PRO C 112 32.49 11.90 17.30
N LYS C 113 33.35 11.44 18.20
CA LYS C 113 33.59 12.19 19.43
C LYS C 113 34.44 13.45 19.20
N ASP C 114 35.09 13.58 18.04
CA ASP C 114 35.87 14.77 17.71
C ASP C 114 35.06 15.87 17.03
N LEU C 115 33.79 15.63 16.74
CA LEU C 115 32.98 16.50 15.91
C LEU C 115 31.82 17.06 16.70
N SER C 116 31.58 18.36 16.57
CA SER C 116 30.40 18.97 17.13
C SER C 116 29.14 18.48 16.41
N ILE C 117 27.98 18.82 16.96
CA ILE C 117 26.73 18.34 16.40
C ILE C 117 26.49 18.99 15.05
N SER C 118 26.89 20.25 14.89
CA SER C 118 26.80 20.90 13.59
C SER C 118 27.81 20.33 12.59
N GLU C 119 29.01 19.94 13.05
CA GLU C 119 29.96 19.31 12.15
C GLU C 119 29.48 17.94 11.71
N LEU C 120 28.89 17.17 12.64
CA LEU C 120 28.27 15.90 12.26
C LEU C 120 27.19 16.10 11.21
N GLU C 121 26.35 17.14 11.36
CA GLU C 121 25.31 17.38 10.37
C GLU C 121 25.92 17.70 9.01
N ARG C 122 26.93 18.58 8.97
CA ARG C 122 27.58 18.87 7.69
C ARG C 122 28.21 17.62 7.08
N LEU C 123 28.88 16.80 7.90
CA LEU C 123 29.50 15.59 7.36
C LEU C 123 28.45 14.66 6.76
N THR C 124 27.31 14.54 7.42
CA THR C 124 26.26 13.64 6.95
C THR C 124 25.64 14.16 5.66
N ARG C 125 25.45 15.49 5.57
CA ARG C 125 24.86 16.03 4.36
C ARG C 125 25.83 15.91 3.18
N VAL C 126 27.12 16.14 3.43
CA VAL C 126 28.10 16.05 2.33
C VAL C 126 28.24 14.60 1.85
N PHE C 127 28.31 13.66 2.79
CA PHE C 127 28.33 12.25 2.43
C PHE C 127 27.13 11.91 1.54
N THR C 128 25.94 12.40 1.91
CA THR C 128 24.73 12.18 1.13
C THR C 128 24.85 12.81 -0.25
N GLN C 129 25.43 14.01 -0.34
CA GLN C 129 25.65 14.63 -1.64
C GLN C 129 26.54 13.77 -2.52
N LYS C 130 27.50 13.05 -1.93
CA LYS C 130 28.44 12.25 -2.70
C LYS C 130 27.92 10.86 -3.04
N ILE C 131 26.84 10.39 -2.39
CA ILE C 131 26.34 9.05 -2.70
C ILE C 131 24.86 9.04 -3.06
N HIS C 132 24.21 10.21 -3.18
CA HIS C 132 22.77 10.22 -3.43
C HIS C 132 22.40 9.45 -4.70
N ASP C 133 23.26 9.47 -5.73
CA ASP C 133 22.96 8.79 -6.99
C ASP C 133 23.14 7.28 -6.89
N LEU C 134 23.74 6.78 -5.82
CA LEU C 134 24.00 5.36 -5.67
C LEU C 134 23.03 4.69 -4.69
N ILE C 135 22.22 5.47 -3.97
CA ILE C 135 21.26 4.89 -3.04
C ILE C 135 19.85 5.26 -3.52
N GLY C 136 18.82 4.85 -2.80
CA GLY C 136 17.47 5.11 -3.29
C GLY C 136 16.48 4.13 -2.71
N ILE C 137 15.20 4.53 -2.71
CA ILE C 137 14.19 3.72 -2.04
C ILE C 137 14.13 2.31 -2.64
N HIS C 138 14.39 2.17 -3.94
CA HIS C 138 14.43 0.84 -4.55
C HIS C 138 15.82 0.44 -4.99
N ARG C 139 16.84 1.11 -4.48
CA ARG C 139 18.21 0.79 -4.87
C ARG C 139 19.09 0.40 -3.69
N ASP C 140 19.13 1.23 -2.64
CA ASP C 140 19.92 0.93 -1.45
C ASP C 140 19.43 1.83 -0.33
N VAL C 141 19.05 1.23 0.79
CA VAL C 141 18.34 1.86 1.88
C VAL C 141 19.20 1.80 3.14
N PRO C 142 19.88 2.88 3.51
CA PRO C 142 20.74 2.82 4.71
C PRO C 142 19.95 2.85 6.01
N ALA C 143 20.68 2.64 7.10
CA ALA C 143 20.12 2.49 8.43
C ALA C 143 21.21 2.88 9.43
N PRO C 144 20.85 3.13 10.68
CA PRO C 144 21.88 3.39 11.71
C PRO C 144 22.77 2.18 11.96
N ASP C 145 23.97 2.48 12.48
CA ASP C 145 24.97 1.50 12.87
C ASP C 145 25.83 2.17 13.95
N MET C 146 26.97 1.58 14.28
CA MET C 146 27.83 2.18 15.30
C MET C 146 28.22 3.60 14.89
N GLY C 147 28.02 4.56 15.81
CA GLY C 147 28.35 5.96 15.60
C GLY C 147 27.28 6.82 14.91
N THR C 148 26.13 6.26 14.53
CA THR C 148 25.03 7.05 13.95
C THR C 148 23.72 6.68 14.65
N ASN C 149 22.67 7.46 14.39
CA ASN C 149 21.41 7.29 15.11
C ASN C 149 20.27 7.83 14.24
N SER C 150 19.08 7.99 14.84
CA SER C 150 17.94 8.42 14.05
C SER C 150 18.08 9.88 13.63
N GLN C 151 18.74 10.70 14.45
CA GLN C 151 19.05 12.05 13.99
C GLN C 151 19.91 12.02 12.73
N THR C 152 20.91 11.12 12.68
CA THR C 152 21.71 10.97 11.46
C THR C 152 20.83 10.61 10.27
N MET C 153 19.86 9.73 10.45
CA MET C 153 19.00 9.36 9.32
C MET C 153 18.12 10.53 8.89
N ALA C 154 17.67 11.34 9.84
CA ALA C 154 16.91 12.55 9.50
C ALA C 154 17.71 13.45 8.56
N TRP C 155 19.01 13.61 8.82
CA TRP C 155 19.84 14.43 7.94
C TRP C 155 20.00 13.79 6.56
N ILE C 156 20.17 12.47 6.50
CA ILE C 156 20.26 11.83 5.19
C ILE C 156 18.97 12.04 4.42
N LEU C 157 17.83 11.83 5.07
CA LEU C 157 16.54 12.04 4.43
C LEU C 157 16.40 13.46 3.87
N ASP C 158 16.66 14.47 4.71
CA ASP C 158 16.47 15.86 4.28
C ASP C 158 17.38 16.24 3.11
N GLU C 159 18.64 15.81 3.14
CA GLU C 159 19.53 16.15 2.03
C GLU C 159 19.21 15.34 0.77
N TYR C 160 19.00 14.03 0.92
CA TYR C 160 18.65 13.21 -0.24
C TYR C 160 17.42 13.74 -0.97
N SER C 161 16.43 14.22 -0.23
CA SER C 161 15.18 14.67 -0.81
C SER C 161 15.33 15.93 -1.64
N LYS C 162 16.40 16.72 -1.45
CA LYS C 162 16.66 17.83 -2.34
C LYS C 162 16.99 17.37 -3.75
N PHE C 163 17.58 16.17 -3.90
CA PHE C 163 18.00 15.66 -5.19
C PHE C 163 16.95 14.80 -5.86
N HIS C 164 16.15 14.06 -5.11
CA HIS C 164 15.20 13.14 -5.72
C HIS C 164 13.78 13.35 -5.20
N GLY C 165 13.50 14.46 -4.54
CA GLY C 165 12.20 14.71 -3.98
C GLY C 165 12.01 13.97 -2.66
N HIS C 166 10.98 14.41 -1.93
CA HIS C 166 10.63 13.83 -0.64
C HIS C 166 10.57 12.31 -0.71
N SER C 167 11.46 11.63 0.02
CA SER C 167 11.66 10.19 -0.11
C SER C 167 11.81 9.53 1.26
N PRO C 168 10.74 9.50 2.07
CA PRO C 168 10.83 8.87 3.40
C PRO C 168 11.44 7.48 3.42
N ALA C 169 11.18 6.65 2.40
CA ALA C 169 11.66 5.27 2.41
C ALA C 169 13.15 5.09 2.05
N VAL C 170 13.91 6.18 1.85
CA VAL C 170 15.31 5.98 1.45
C VAL C 170 16.21 5.56 2.63
N VAL C 171 15.81 5.81 3.89
CA VAL C 171 16.51 5.32 5.07
C VAL C 171 15.49 4.75 6.04
N THR C 172 15.94 3.83 6.89
CA THR C 172 15.13 3.37 8.02
C THR C 172 15.76 3.83 9.33
N GLY C 173 15.13 3.48 10.44
CA GLY C 173 15.59 4.02 11.71
C GLY C 173 15.35 5.50 11.85
N LYS C 174 14.39 6.06 11.11
CA LYS C 174 14.04 7.47 11.19
C LYS C 174 13.35 7.81 12.51
N PRO C 175 13.35 9.09 12.90
CA PRO C 175 12.51 9.48 14.05
C PRO C 175 11.04 9.25 13.73
N ILE C 176 10.24 8.98 14.77
CA ILE C 176 8.80 8.75 14.59
C ILE C 176 8.17 9.93 13.86
N ASP C 177 8.60 11.16 14.17
CA ASP C 177 8.05 12.35 13.53
C ASP C 177 8.32 12.42 12.04
N LEU C 178 9.32 11.71 11.53
CA LEU C 178 9.69 11.80 10.14
C LEU C 178 9.51 10.45 9.44
N GLY C 179 8.57 9.65 9.92
CA GLY C 179 8.19 8.43 9.23
C GLY C 179 8.76 7.17 9.81
N GLY C 180 9.41 7.22 10.97
CA GLY C 180 9.87 6.01 11.62
C GLY C 180 8.71 5.18 12.11
N SER C 181 8.97 3.89 12.32
CA SER C 181 7.92 2.94 12.64
C SER C 181 7.85 2.72 14.15
N LEU C 182 6.68 2.31 14.61
CA LEU C 182 6.51 1.86 15.98
C LEU C 182 7.03 0.44 16.14
N GLY C 183 7.29 0.07 17.39
CA GLY C 183 7.70 -1.29 17.68
C GLY C 183 9.16 -1.60 17.49
N ARG C 184 10.00 -0.61 17.16
CA ARG C 184 11.40 -0.89 16.85
C ARG C 184 12.21 -1.34 18.07
N GLU C 185 11.94 -0.77 19.24
CA GLU C 185 12.80 -1.06 20.38
C GLU C 185 12.66 -2.51 20.80
N ALA C 186 11.42 -2.97 20.97
CA ALA C 186 11.17 -4.33 21.41
C ALA C 186 11.44 -5.39 20.34
N ALA C 187 11.67 -4.96 19.11
CA ALA C 187 11.50 -5.86 17.97
C ALA C 187 12.44 -7.07 18.05
N THR C 188 13.72 -6.84 18.36
CA THR C 188 14.66 -7.96 18.38
C THR C 188 14.37 -8.91 19.53
N GLY C 189 14.25 -8.39 20.76
CA GLY C 189 13.91 -9.26 21.87
C GLY C 189 12.61 -10.01 21.64
N LEU C 190 11.58 -9.27 21.21
CA LEU C 190 10.29 -9.90 20.93
C LEU C 190 10.41 -10.91 19.80
N GLY C 191 11.23 -10.62 18.79
CA GLY C 191 11.44 -11.58 17.73
C GLY C 191 12.09 -12.86 18.24
N VAL C 192 13.05 -12.71 19.16
CA VAL C 192 13.67 -13.89 19.79
C VAL C 192 12.60 -14.76 20.42
N VAL C 193 11.64 -14.15 21.10
CA VAL C 193 10.62 -14.93 21.79
C VAL C 193 9.69 -15.60 20.80
N PHE C 194 9.26 -14.86 19.76
CA PHE C 194 8.44 -15.45 18.70
C PHE C 194 9.13 -16.68 18.10
N ALA C 195 10.43 -16.54 17.79
CA ALA C 195 11.17 -17.66 17.20
C ALA C 195 11.24 -18.84 18.17
N THR C 196 11.41 -18.56 19.46
CA THR C 196 11.50 -19.60 20.47
C THR C 196 10.16 -20.29 20.68
N GLU C 197 9.05 -19.52 20.60
CA GLU C 197 7.73 -20.12 20.63
C GLU C 197 7.52 -21.08 19.46
N ALA C 198 8.02 -20.72 18.27
CA ALA C 198 7.80 -21.57 17.11
C ALA C 198 8.58 -22.86 17.22
N LEU C 199 9.80 -22.80 17.77
CA LEU C 199 10.61 -24.00 17.95
C LEU C 199 9.99 -24.95 18.96
N PHE C 200 9.56 -24.42 20.12
CA PHE C 200 8.98 -25.29 21.15
C PHE C 200 7.68 -25.93 20.69
N ALA C 201 6.92 -25.24 19.83
CA ALA C 201 5.69 -25.83 19.32
C ALA C 201 5.95 -27.11 18.54
N GLU C 202 7.15 -27.26 17.97
CA GLU C 202 7.50 -28.46 17.22
C GLU C 202 7.71 -29.65 18.12
N TYR C 203 8.00 -29.43 19.40
CA TYR C 203 8.06 -30.48 20.40
C TYR C 203 6.82 -30.52 21.27
N GLY C 204 5.80 -29.73 20.94
CA GLY C 204 4.58 -29.70 21.70
C GLY C 204 4.67 -29.02 23.06
N LYS C 205 5.65 -28.14 23.25
CA LYS C 205 5.80 -27.41 24.51
C LYS C 205 5.52 -25.93 24.29
N SER C 206 5.36 -25.22 25.42
CA SER C 206 5.12 -23.78 25.47
C SER C 206 6.27 -23.08 26.18
N ILE C 207 6.28 -21.76 26.07
CA ILE C 207 7.19 -20.95 26.87
C ILE C 207 6.96 -21.19 28.36
N SER C 208 5.70 -21.40 28.74
CA SER C 208 5.36 -21.55 30.15
C SER C 208 5.93 -22.83 30.76
N ASP C 209 6.35 -23.78 29.94
CA ASP C 209 6.88 -25.04 30.43
C ASP C 209 8.37 -24.99 30.76
N MET C 210 9.08 -23.92 30.39
CA MET C 210 10.53 -23.88 30.46
C MET C 210 11.04 -22.94 31.54
N THR C 211 12.26 -23.22 31.99
CA THR C 211 13.07 -22.27 32.75
C THR C 211 14.15 -21.70 31.84
N PHE C 212 14.47 -20.42 32.02
CA PHE C 212 15.38 -19.72 31.12
C PHE C 212 16.47 -19.03 31.93
N ALA C 213 17.69 -19.09 31.42
CA ALA C 213 18.79 -18.24 31.87
C ALA C 213 19.14 -17.29 30.74
N ILE C 214 19.38 -16.02 31.07
CA ILE C 214 19.57 -14.97 30.07
C ILE C 214 20.88 -14.25 30.39
N GLN C 215 21.83 -14.28 29.45
CA GLN C 215 23.11 -13.62 29.61
C GLN C 215 23.11 -12.30 28.84
N GLY C 216 23.25 -11.20 29.57
CA GLY C 216 23.15 -9.89 28.98
C GLY C 216 21.81 -9.27 29.29
N PHE C 217 21.81 -7.98 29.63
CA PHE C 217 20.58 -7.28 29.98
C PHE C 217 20.60 -5.88 29.36
N GLY C 218 20.87 -5.82 28.07
CA GLY C 218 20.75 -4.63 27.26
C GLY C 218 19.41 -4.55 26.57
N ASN C 219 19.40 -3.95 25.38
CA ASN C 219 18.14 -3.86 24.63
C ASN C 219 17.54 -5.24 24.39
N VAL C 220 18.36 -6.19 23.97
CA VAL C 220 17.83 -7.50 23.59
C VAL C 220 17.43 -8.30 24.83
N GLY C 221 18.29 -8.31 25.85
CA GLY C 221 18.01 -9.09 27.04
C GLY C 221 16.77 -8.63 27.79
N THR C 222 16.61 -7.31 27.96
CA THR C 222 15.46 -6.80 28.71
C THR C 222 14.14 -7.10 28.00
N TRP C 223 14.06 -6.84 26.70
CA TRP C 223 12.81 -7.10 25.98
C TRP C 223 12.55 -8.59 25.87
N ALA C 224 13.58 -9.39 25.59
CA ALA C 224 13.39 -10.84 25.54
C ALA C 224 12.88 -11.39 26.88
N ALA C 225 13.50 -10.98 28.00
CA ALA C 225 13.04 -11.43 29.31
C ALA C 225 11.63 -10.94 29.60
N LYS C 226 11.31 -9.70 29.22
CA LYS C 226 9.97 -9.17 29.44
C LYS C 226 8.93 -10.03 28.74
N ALA C 227 9.22 -10.44 27.51
CA ALA C 227 8.26 -11.19 26.70
C ALA C 227 8.17 -12.65 27.14
N ILE C 228 9.28 -13.26 27.58
CA ILE C 228 9.24 -14.61 28.12
C ILE C 228 8.40 -14.65 29.38
N PHE C 229 8.56 -13.64 30.23
CA PHE C 229 7.85 -13.57 31.50
C PHE C 229 6.34 -13.44 31.27
N GLU C 230 5.94 -12.66 30.26
CA GLU C 230 4.52 -12.44 30.01
C GLU C 230 3.83 -13.70 29.50
N ARG C 231 4.56 -14.55 28.78
CA ARG C 231 4.01 -15.76 28.20
C ARG C 231 4.08 -16.96 29.17
N GLY C 232 4.42 -16.72 30.43
CA GLY C 232 4.48 -17.78 31.43
C GLY C 232 5.85 -18.39 31.69
N GLY C 233 6.90 -17.92 31.03
CA GLY C 233 8.21 -18.52 31.22
C GLY C 233 8.84 -18.18 32.55
N LYS C 234 9.63 -19.11 33.08
CA LYS C 234 10.33 -18.93 34.35
C LYS C 234 11.76 -18.51 34.05
N VAL C 235 12.08 -17.24 34.30
CA VAL C 235 13.42 -16.72 34.06
C VAL C 235 14.20 -16.84 35.37
N VAL C 236 14.97 -17.91 35.50
CA VAL C 236 15.61 -18.25 36.78
C VAL C 236 16.99 -17.62 36.96
N ALA C 237 17.53 -16.97 35.94
CA ALA C 237 18.88 -16.38 36.04
C ALA C 237 19.07 -15.31 34.98
N VAL C 238 19.60 -14.16 35.41
CA VAL C 238 19.87 -13.01 34.55
C VAL C 238 21.22 -12.43 34.96
N SER C 239 22.12 -12.28 34.00
CA SER C 239 23.42 -11.66 34.23
C SER C 239 23.56 -10.44 33.32
N ASP C 240 24.29 -9.44 33.84
CA ASP C 240 24.76 -8.33 33.02
C ASP C 240 26.28 -8.28 33.10
N ILE C 241 26.86 -7.08 32.94
CA ILE C 241 28.31 -6.95 32.97
C ILE C 241 28.84 -6.83 34.40
N ASN C 242 28.02 -6.33 35.33
CA ASN C 242 28.47 -6.04 36.69
C ASN C 242 28.01 -7.06 37.72
N GLY C 243 27.26 -8.08 37.32
CA GLY C 243 26.79 -9.05 38.28
C GLY C 243 25.68 -9.90 37.69
N ALA C 244 25.05 -10.70 38.57
CA ALA C 244 24.00 -11.61 38.15
C ALA C 244 23.08 -11.91 39.33
N ILE C 245 21.87 -12.37 39.01
CA ILE C 245 20.82 -12.65 40.00
C ILE C 245 20.15 -13.97 39.64
N SER C 246 19.81 -14.75 40.67
CA SER C 246 19.24 -16.07 40.52
C SER C 246 17.98 -16.22 41.36
N ASN C 247 17.04 -17.06 40.88
CA ASN C 247 15.83 -17.41 41.62
C ASN C 247 15.20 -18.66 40.98
N PRO C 248 15.28 -19.81 41.64
CA PRO C 248 14.77 -21.06 41.05
C PRO C 248 13.28 -21.04 40.74
N ASN C 249 12.47 -20.28 41.50
CA ASN C 249 11.05 -20.20 41.22
C ASN C 249 10.73 -19.24 40.09
N GLY C 250 11.70 -18.42 39.69
CA GLY C 250 11.50 -17.41 38.65
C GLY C 250 11.72 -16.02 39.22
N ILE C 251 12.48 -15.21 38.47
CA ILE C 251 12.66 -13.82 38.82
C ILE C 251 11.43 -13.05 38.34
N ASP C 252 10.93 -12.15 39.17
CA ASP C 252 9.87 -11.25 38.74
C ASP C 252 10.48 -10.25 37.77
N ILE C 253 10.36 -10.53 36.46
CA ILE C 253 11.00 -9.70 35.45
C ILE C 253 10.41 -8.30 35.46
N ALA C 254 9.10 -8.19 35.68
CA ALA C 254 8.49 -6.86 35.75
C ALA C 254 9.13 -6.04 36.86
N ALA C 255 9.27 -6.63 38.05
CA ALA C 255 9.90 -5.93 39.16
C ALA C 255 11.40 -5.77 38.96
N LEU C 256 12.04 -6.65 38.17
CA LEU C 256 13.45 -6.48 37.86
C LEU C 256 13.67 -5.31 36.90
N LEU C 257 12.74 -5.11 35.97
CA LEU C 257 12.84 -3.97 35.07
C LEU C 257 12.62 -2.66 35.80
N LYS C 258 11.73 -2.66 36.81
CA LYS C 258 11.56 -1.45 37.62
C LYS C 258 12.84 -1.09 38.34
N HIS C 259 13.47 -2.07 39.01
CA HIS C 259 14.69 -1.83 39.76
C HIS C 259 15.83 -1.36 38.86
N LYS C 260 15.86 -1.79 37.60
CA LYS C 260 16.95 -1.44 36.69
C LYS C 260 16.83 0.00 36.19
N ALA C 261 15.61 0.44 35.89
CA ALA C 261 15.35 1.84 35.55
C ALA C 261 15.55 2.76 36.74
N GLY C 262 15.75 2.23 37.94
CA GLY C 262 16.08 3.06 39.08
C GLY C 262 17.57 3.06 39.37
N ASN C 263 18.37 2.83 38.33
CA ASN C 263 19.83 2.78 38.41
C ASN C 263 20.33 1.76 39.44
N GLY C 264 19.53 0.74 39.71
CA GLY C 264 19.91 -0.29 40.65
C GLY C 264 20.59 -1.46 39.95
N SER C 265 21.77 -1.82 40.42
CA SER C 265 22.49 -2.93 39.81
C SER C 265 21.75 -4.24 40.06
N LEU C 266 22.02 -5.22 39.19
CA LEU C 266 21.32 -6.50 39.26
C LEU C 266 21.49 -7.15 40.63
N LYS C 267 22.74 -7.41 41.02
CA LYS C 267 23.01 -8.21 42.23
C LYS C 267 22.41 -7.62 43.50
N ASP C 268 21.98 -6.36 43.49
CA ASP C 268 21.33 -5.73 44.64
C ASP C 268 19.82 -5.89 44.62
N PHE C 269 19.31 -6.86 43.87
CA PHE C 269 17.88 -7.10 43.75
C PHE C 269 17.41 -7.98 44.89
N SER C 270 16.30 -7.59 45.52
CA SER C 270 15.78 -8.34 46.66
C SER C 270 15.03 -9.60 46.24
N GLY C 271 14.61 -9.69 44.98
CA GLY C 271 13.83 -10.82 44.51
C GLY C 271 14.64 -11.96 43.94
N GLY C 272 15.93 -12.04 44.31
CA GLY C 272 16.79 -13.14 43.88
C GLY C 272 18.04 -13.23 44.75
N ASP C 273 18.79 -14.30 44.53
CA ASP C 273 20.09 -14.48 45.18
C ASP C 273 21.20 -14.22 44.16
N ALA C 274 22.19 -13.44 44.58
CA ALA C 274 23.25 -13.02 43.67
C ALA C 274 24.14 -14.20 43.31
N MET C 275 24.39 -14.38 42.02
CA MET C 275 25.27 -15.43 41.56
C MET C 275 26.42 -14.82 40.78
N ASN C 276 27.42 -15.66 40.54
CA ASN C 276 28.58 -15.29 39.72
C ASN C 276 28.15 -15.16 38.26
N PRO C 277 28.46 -14.05 37.59
CA PRO C 277 28.08 -13.92 36.17
C PRO C 277 28.74 -14.96 35.29
N ASN C 278 29.91 -15.44 35.68
CA ASN C 278 30.62 -16.45 34.91
C ASN C 278 30.06 -17.86 35.11
N ASP C 279 29.04 -18.01 35.95
CA ASP C 279 28.32 -19.27 36.10
C ASP C 279 26.96 -19.24 35.41
N LEU C 280 26.66 -18.18 34.66
CA LEU C 280 25.37 -18.11 34.00
C LEU C 280 25.25 -19.17 32.92
N LEU C 281 26.28 -19.30 32.07
CA LEU C 281 26.22 -20.21 30.93
C LEU C 281 26.02 -21.66 31.36
N VAL C 282 26.56 -22.04 32.51
CA VAL C 282 26.42 -23.41 33.01
C VAL C 282 25.35 -23.50 34.11
N HIS C 283 24.50 -22.48 34.23
CA HIS C 283 23.41 -22.54 35.18
C HIS C 283 22.41 -23.64 34.81
N ASP C 284 21.69 -24.12 35.82
CA ASP C 284 20.78 -25.25 35.65
C ASP C 284 19.43 -24.73 35.18
N CYS C 285 19.18 -24.82 33.87
CA CYS C 285 17.96 -24.34 33.26
C CYS C 285 17.62 -25.26 32.08
N ASP C 286 16.47 -25.02 31.46
CA ASP C 286 16.11 -25.72 30.23
C ASP C 286 16.66 -25.02 29.00
N VAL C 287 16.70 -23.69 29.01
CA VAL C 287 16.99 -22.89 27.84
C VAL C 287 18.02 -21.84 28.22
N LEU C 288 19.08 -21.75 27.44
CA LEU C 288 20.08 -20.69 27.59
C LEU C 288 19.86 -19.67 26.48
N ILE C 289 19.87 -18.38 26.84
CA ILE C 289 19.74 -17.33 25.84
C ILE C 289 20.87 -16.31 25.98
N PRO C 290 21.99 -16.50 25.28
CA PRO C 290 23.05 -15.48 25.29
C PRO C 290 22.58 -14.21 24.58
N CYS C 291 22.71 -13.08 25.26
CA CYS C 291 22.30 -11.80 24.69
C CYS C 291 23.37 -10.73 24.85
N ALA C 292 24.60 -11.10 25.20
CA ALA C 292 25.65 -10.12 25.43
C ALA C 292 26.70 -10.32 24.36
N LEU C 293 27.80 -11.02 24.63
CA LEU C 293 28.92 -11.07 23.72
C LEU C 293 28.82 -12.26 22.78
N GLY C 294 29.75 -12.33 21.84
CA GLY C 294 29.95 -13.50 21.02
C GLY C 294 31.04 -14.39 21.61
N GLY C 295 31.18 -15.57 21.00
CA GLY C 295 32.23 -16.50 21.37
C GLY C 295 32.21 -16.99 22.81
N VAL C 296 31.18 -16.65 23.59
CA VAL C 296 31.11 -17.04 24.99
C VAL C 296 30.93 -18.54 25.19
N LEU C 297 30.59 -19.28 24.13
CA LEU C 297 30.53 -20.75 24.17
C LEU C 297 31.69 -21.30 23.33
N ASN C 298 32.73 -21.75 24.02
CA ASN C 298 33.96 -22.26 23.44
C ASN C 298 34.11 -23.74 23.82
N LYS C 299 35.24 -24.34 23.42
CA LYS C 299 35.45 -25.75 23.71
C LYS C 299 35.72 -26.01 25.20
N GLU C 300 36.04 -24.97 25.99
CA GLU C 300 36.28 -25.16 27.41
C GLU C 300 35.00 -25.43 28.18
N ASN C 301 33.99 -24.58 28.00
CA ASN C 301 32.80 -24.64 28.82
C ASN C 301 31.65 -25.42 28.18
N ALA C 302 31.79 -25.86 26.92
CA ALA C 302 30.66 -26.41 26.18
C ALA C 302 30.14 -27.70 26.80
N ASN C 303 31.03 -28.52 27.37
CA ASN C 303 30.61 -29.78 27.95
C ASN C 303 29.81 -29.60 29.24
N ASP C 304 29.93 -28.45 29.90
CA ASP C 304 29.28 -28.19 31.18
C ASP C 304 27.88 -27.60 31.04
N VAL C 305 27.50 -27.15 29.84
CA VAL C 305 26.19 -26.54 29.62
C VAL C 305 25.10 -27.56 29.95
N LYS C 306 24.15 -27.13 30.78
CA LYS C 306 23.10 -28.03 31.24
C LYS C 306 21.77 -27.80 30.54
N ALA C 307 21.58 -26.63 29.92
CA ALA C 307 20.36 -26.37 29.17
C ALA C 307 20.26 -27.31 27.97
N LYS C 308 19.02 -27.66 27.61
CA LYS C 308 18.78 -28.45 26.41
C LYS C 308 18.51 -27.60 25.18
N PHE C 309 18.22 -26.30 25.36
CA PHE C 309 18.05 -25.38 24.24
C PHE C 309 18.93 -24.15 24.45
N ILE C 310 19.54 -23.68 23.36
CA ILE C 310 20.31 -22.44 23.33
C ILE C 310 19.72 -21.56 22.23
N ILE C 311 19.22 -20.39 22.60
CA ILE C 311 18.66 -19.44 21.64
C ILE C 311 19.70 -18.35 21.40
N GLU C 312 20.26 -18.32 20.19
CA GLU C 312 21.35 -17.39 19.87
C GLU C 312 20.74 -16.02 19.61
N ALA C 313 20.64 -15.21 20.66
CA ALA C 313 20.16 -13.85 20.51
C ALA C 313 21.28 -12.87 20.19
N ALA C 314 22.47 -13.10 20.75
CA ALA C 314 23.63 -12.31 20.39
C ALA C 314 24.20 -12.79 19.05
N ASN C 315 25.08 -11.98 18.47
CA ASN C 315 25.80 -12.39 17.28
C ASN C 315 26.99 -13.27 17.66
N HIS C 316 27.03 -14.49 17.09
CA HIS C 316 28.12 -15.46 17.14
C HIS C 316 28.49 -15.90 18.55
N PRO C 317 27.52 -16.32 19.37
CA PRO C 317 27.85 -16.66 20.77
C PRO C 317 28.58 -17.98 20.94
N THR C 318 28.45 -18.93 20.02
CA THR C 318 29.05 -20.24 20.18
C THR C 318 30.02 -20.51 19.02
N ASP C 319 31.27 -20.80 19.35
CA ASP C 319 32.26 -21.15 18.34
C ASP C 319 31.99 -22.58 17.85
N PRO C 320 32.63 -23.01 16.75
CA PRO C 320 32.22 -24.30 16.15
C PRO C 320 32.56 -25.54 16.98
N ASP C 321 33.62 -25.52 17.77
CA ASP C 321 33.88 -26.63 18.69
C ASP C 321 32.72 -26.82 19.65
N ALA C 322 32.21 -25.71 20.21
CA ALA C 322 31.07 -25.78 21.11
C ALA C 322 29.84 -26.32 20.38
N ASP C 323 29.63 -25.88 19.14
CA ASP C 323 28.56 -26.43 18.31
C ASP C 323 28.59 -27.95 18.31
N GLU C 324 29.77 -28.52 18.09
CA GLU C 324 29.88 -29.97 17.95
C GLU C 324 29.67 -30.67 19.29
N ILE C 325 30.25 -30.13 20.36
CA ILE C 325 30.10 -30.72 21.69
C ILE C 325 28.65 -30.69 22.14
N LEU C 326 27.98 -29.56 21.93
CA LEU C 326 26.60 -29.40 22.37
C LEU C 326 25.65 -30.27 21.54
N SER C 327 25.98 -30.52 20.28
CA SER C 327 25.17 -31.40 19.45
C SER C 327 25.19 -32.83 19.99
N LYS C 328 26.39 -33.36 20.26
CA LYS C 328 26.48 -34.71 20.80
C LYS C 328 25.66 -34.85 22.07
N LYS C 329 25.62 -33.81 22.90
CA LYS C 329 24.89 -33.88 24.17
C LYS C 329 23.38 -33.73 24.00
N GLY C 330 22.89 -33.55 22.78
CA GLY C 330 21.47 -33.37 22.56
C GLY C 330 20.97 -31.95 22.64
N VAL C 331 21.86 -30.96 22.67
CA VAL C 331 21.43 -29.56 22.72
C VAL C 331 20.99 -29.11 21.33
N ILE C 332 19.82 -28.48 21.25
CA ILE C 332 19.35 -27.88 20.00
C ILE C 332 19.64 -26.39 20.08
N ILE C 333 20.24 -25.84 19.03
CA ILE C 333 20.68 -24.46 19.01
C ILE C 333 19.90 -23.72 17.92
N LEU C 334 19.18 -22.67 18.32
CA LEU C 334 18.49 -21.82 17.37
C LEU C 334 19.45 -20.75 16.88
N PRO C 335 19.75 -20.68 15.59
CA PRO C 335 20.91 -19.89 15.11
C PRO C 335 20.66 -18.38 15.11
N ASP C 336 21.75 -17.64 15.34
CA ASP C 336 21.68 -16.19 15.47
C ASP C 336 21.12 -15.54 14.21
N VAL C 337 21.50 -16.03 13.04
CA VAL C 337 21.09 -15.39 11.79
C VAL C 337 19.58 -15.34 11.68
N TYR C 338 18.86 -16.23 12.36
CA TYR C 338 17.41 -16.21 12.38
C TYR C 338 16.84 -15.60 13.66
N ALA C 339 17.32 -16.07 14.83
CA ALA C 339 16.67 -15.73 16.10
C ALA C 339 16.62 -14.22 16.33
N ASN C 340 17.70 -13.50 16.00
CA ASN C 340 17.75 -12.07 16.30
C ASN C 340 17.34 -11.19 15.11
N ALA C 341 16.58 -11.73 14.16
CA ALA C 341 16.26 -11.03 12.92
C ALA C 341 15.04 -10.14 13.03
N GLY C 342 14.48 -9.99 14.23
CA GLY C 342 13.35 -9.10 14.41
C GLY C 342 13.70 -7.65 14.13
N GLY C 343 14.92 -7.24 14.52
CA GLY C 343 15.38 -5.89 14.21
C GLY C 343 15.28 -5.56 12.73
N VAL C 344 15.81 -6.41 11.86
CA VAL C 344 15.87 -6.10 10.45
C VAL C 344 14.50 -6.29 9.79
N THR C 345 13.65 -7.13 10.38
CA THR C 345 12.29 -7.31 9.89
C THR C 345 11.45 -6.05 10.10
N VAL C 346 11.53 -5.45 11.30
CA VAL C 346 10.74 -4.25 11.54
C VAL C 346 11.30 -3.09 10.75
N SER C 347 12.59 -3.08 10.45
CA SER C 347 13.10 -2.01 9.60
C SER C 347 12.53 -2.13 8.19
N TYR C 348 12.37 -3.37 7.70
CA TYR C 348 11.63 -3.58 6.46
C TYR C 348 10.21 -3.03 6.56
N PHE C 349 9.50 -3.30 7.68
CA PHE C 349 8.15 -2.79 7.84
C PHE C 349 8.13 -1.26 7.82
N GLU C 350 9.18 -0.60 8.32
CA GLU C 350 9.19 0.86 8.29
C GLU C 350 9.21 1.36 6.84
N TRP C 351 10.09 0.77 6.03
CA TRP C 351 10.14 1.00 4.60
C TRP C 351 8.79 0.71 3.93
N VAL C 352 8.15 -0.41 4.30
CA VAL C 352 6.84 -0.74 3.73
C VAL C 352 5.81 0.33 4.05
N GLN C 353 5.79 0.80 5.31
CA GLN C 353 4.83 1.82 5.72
C GLN C 353 5.08 3.14 5.00
N ASN C 354 6.34 3.54 4.85
CA ASN C 354 6.68 4.72 4.06
C ASN C 354 6.21 4.56 2.60
N ILE C 355 6.50 3.41 1.99
CA ILE C 355 6.15 3.18 0.58
C ILE C 355 4.64 3.26 0.41
N GLN C 356 3.87 2.81 1.40
CA GLN C 356 2.43 2.81 1.31
C GLN C 356 1.80 4.13 1.76
N GLY C 357 2.62 5.12 2.16
CA GLY C 357 2.18 6.43 2.59
C GLY C 357 1.31 6.46 3.84
N PHE C 358 1.29 5.39 4.64
CA PHE C 358 0.29 5.25 5.71
C PHE C 358 0.90 4.39 6.80
N MET C 359 1.07 4.93 8.00
CA MET C 359 1.74 4.19 9.07
C MET C 359 0.77 3.22 9.75
N TRP C 360 1.34 2.13 10.30
CA TRP C 360 0.63 1.09 11.06
C TRP C 360 0.66 1.37 12.56
N ASP C 361 -0.27 0.76 13.31
CA ASP C 361 -0.17 0.81 14.75
C ASP C 361 0.75 -0.33 15.24
N GLU C 362 1.14 -0.25 16.52
CA GLU C 362 2.15 -1.16 17.03
C GLU C 362 1.63 -2.60 17.04
N GLU C 363 0.33 -2.77 17.28
CA GLU C 363 -0.30 -4.08 17.20
C GLU C 363 -0.13 -4.68 15.81
N LYS C 364 -0.28 -3.87 14.76
CA LYS C 364 -0.10 -4.44 13.43
C LYS C 364 1.37 -4.77 13.18
N VAL C 365 2.29 -3.92 13.67
CA VAL C 365 3.73 -4.19 13.52
C VAL C 365 4.07 -5.55 14.15
N ASN C 366 3.62 -5.77 15.39
CA ASN C 366 3.97 -7.00 16.10
C ASN C 366 3.25 -8.21 15.51
N GLN C 367 2.03 -8.01 15.01
CA GLN C 367 1.34 -9.09 14.30
C GLN C 367 2.12 -9.50 13.06
N GLU C 368 2.63 -8.54 12.29
CA GLU C 368 3.39 -8.92 11.12
C GLU C 368 4.76 -9.49 11.50
N LEU C 369 5.36 -8.99 12.57
CA LEU C 369 6.62 -9.56 13.05
C LEU C 369 6.44 -11.04 13.38
N LYS C 370 5.32 -11.39 14.01
CA LYS C 370 5.07 -12.78 14.35
C LYS C 370 4.86 -13.64 13.10
N ARG C 371 4.07 -13.15 12.14
CA ARG C 371 3.88 -13.93 10.92
C ARG C 371 5.22 -14.20 10.22
N TYR C 372 6.09 -13.19 10.13
CA TYR C 372 7.37 -13.37 9.44
C TYR C 372 8.29 -14.34 10.16
N MET C 373 8.43 -14.19 11.49
CA MET C 373 9.31 -15.09 12.25
C MET C 373 8.78 -16.52 12.24
N THR C 374 7.46 -16.68 12.31
CA THR C 374 6.90 -18.04 12.35
C THR C 374 7.04 -18.73 10.99
N LYS C 375 6.83 -17.99 9.90
CA LYS C 375 7.00 -18.56 8.57
C LYS C 375 8.45 -18.93 8.34
N ALA C 376 9.37 -18.07 8.76
CA ALA C 376 10.79 -18.36 8.58
C ALA C 376 11.20 -19.63 9.33
N PHE C 377 10.72 -19.81 10.56
CA PHE C 377 11.06 -21.04 11.26
C PHE C 377 10.54 -22.26 10.51
N ASN C 378 9.30 -22.19 10.02
CA ASN C 378 8.75 -23.31 9.25
C ASN C 378 9.59 -23.60 8.02
N ASP C 379 10.02 -22.54 7.31
CA ASP C 379 10.88 -22.72 6.15
C ASP C 379 12.23 -23.32 6.54
N ILE C 380 12.79 -22.87 7.67
CA ILE C 380 14.06 -23.40 8.15
C ILE C 380 13.93 -24.88 8.48
N LYS C 381 12.91 -25.23 9.24
CA LYS C 381 12.70 -26.63 9.63
C LYS C 381 12.50 -27.52 8.41
N ALA C 382 11.71 -27.08 7.44
CA ALA C 382 11.55 -27.86 6.22
C ALA C 382 12.90 -28.13 5.55
N ASN C 383 13.76 -27.12 5.52
CA ASN C 383 15.09 -27.29 4.93
C ASN C 383 15.93 -28.29 5.73
N CYS C 384 15.84 -28.25 7.06
CA CYS C 384 16.54 -29.24 7.87
C CYS C 384 16.11 -30.66 7.51
N LYS C 385 14.90 -30.83 6.99
CA LYS C 385 14.44 -32.17 6.65
C LYS C 385 15.01 -32.63 5.31
N THR C 386 15.06 -31.72 4.34
CA THR C 386 15.62 -32.06 3.04
C THR C 386 17.10 -32.40 3.16
N HIS C 387 17.88 -31.51 3.73
CA HIS C 387 19.32 -31.70 3.83
C HIS C 387 19.74 -32.47 5.08
N ASN C 388 18.80 -32.81 5.95
CA ASN C 388 19.07 -33.52 7.20
C ASN C 388 20.24 -32.91 7.97
N CYS C 389 20.11 -31.61 8.25
CA CYS C 389 21.13 -30.84 8.95
C CYS C 389 20.53 -30.19 10.21
N ASP C 390 21.42 -29.63 11.03
CA ASP C 390 21.00 -28.87 12.21
C ASP C 390 20.26 -27.59 11.78
N LEU C 391 19.66 -26.91 12.76
CA LEU C 391 18.93 -25.69 12.45
C LEU C 391 19.82 -24.63 11.84
N ARG C 392 21.11 -24.56 12.24
CA ARG C 392 21.98 -23.51 11.73
C ARG C 392 22.19 -23.64 10.23
N MET C 393 22.44 -24.87 9.77
CA MET C 393 22.59 -25.07 8.34
C MET C 393 21.24 -25.01 7.62
N GLY C 394 20.17 -25.40 8.30
CA GLY C 394 18.84 -25.18 7.75
C GLY C 394 18.61 -23.72 7.40
N ALA C 395 19.08 -22.81 8.26
CA ALA C 395 18.89 -21.39 8.03
C ALA C 395 19.80 -20.87 6.92
N PHE C 396 21.09 -21.23 6.96
CA PHE C 396 22.00 -20.70 5.96
C PHE C 396 21.74 -21.28 4.57
N THR C 397 21.41 -22.57 4.47
CA THR C 397 21.04 -23.10 3.16
C THR C 397 19.76 -22.46 2.64
N LEU C 398 18.83 -22.15 3.52
CA LEU C 398 17.58 -21.52 3.10
C LEU C 398 17.85 -20.17 2.47
N GLY C 399 18.66 -19.34 3.13
CA GLY C 399 18.93 -18.01 2.61
C GLY C 399 19.86 -18.03 1.41
N LEU C 400 20.92 -18.83 1.50
CA LEU C 400 21.84 -18.95 0.38
C LEU C 400 21.11 -19.37 -0.88
N ASN C 401 20.25 -20.38 -0.76
CA ASN C 401 19.56 -20.91 -1.92
C ASN C 401 18.55 -19.91 -2.49
N ARG C 402 17.96 -19.08 -1.65
CA ARG C 402 17.05 -18.07 -2.18
C ARG C 402 17.81 -17.04 -2.99
N VAL C 403 19.01 -16.65 -2.55
CA VAL C 403 19.78 -15.69 -3.33
C VAL C 403 20.29 -16.34 -4.62
N ALA C 404 20.76 -17.58 -4.54
CA ALA C 404 21.20 -18.28 -5.73
C ALA C 404 20.05 -18.43 -6.73
N ARG C 405 18.89 -18.85 -6.26
CA ARG C 405 17.77 -19.09 -7.18
C ARG C 405 17.30 -17.79 -7.83
N ALA C 406 17.26 -16.69 -7.08
CA ALA C 406 16.90 -15.42 -7.69
C ALA C 406 17.94 -15.01 -8.72
N THR C 407 19.22 -15.18 -8.38
CA THR C 407 20.30 -14.86 -9.30
C THR C 407 20.17 -15.66 -10.59
N LEU C 408 19.89 -16.96 -10.47
CA LEU C 408 19.78 -17.80 -11.66
C LEU C 408 18.53 -17.45 -12.47
N LEU C 409 17.44 -17.06 -11.81
CA LEU C 409 16.24 -16.70 -12.56
C LEU C 409 16.47 -15.47 -13.42
N ARG C 410 17.19 -14.48 -12.88
CA ARG C 410 17.45 -13.24 -13.60
C ARG C 410 18.35 -13.47 -14.80
N GLY C 411 19.29 -14.42 -14.71
CA GLY C 411 20.11 -14.77 -15.85
C GLY C 411 21.34 -13.89 -15.99
N TRP C 412 22.12 -14.21 -17.02
CA TRP C 412 23.45 -13.65 -17.21
C TRP C 412 23.66 -12.95 -18.55
N GLU C 413 22.67 -12.92 -19.44
CA GLU C 413 22.92 -12.30 -20.74
C GLU C 413 22.71 -10.80 -20.60
N ALA C 414 23.34 -10.04 -21.48
CA ALA C 414 23.43 -8.58 -21.31
C ALA C 414 22.17 -7.82 -21.72
#